data_1QV4
# 
_entry.id   1QV4 
# 
_audit_conform.dict_name       mmcif_pdbx.dic 
_audit_conform.dict_version    5.386 
_audit_conform.dict_location   http://mmcif.pdb.org/dictionaries/ascii/mmcif_pdbx.dic 
# 
loop_
_database_2.database_id 
_database_2.database_code 
_database_2.pdbx_database_accession 
_database_2.pdbx_DOI 
PDB   1QV4         pdb_00001qv4 10.2210/pdb1qv4/pdb 
NDB   DD0059       ?            ?                   
RCSB  RCSB020107   ?            ?                   
WWPDB D_1000020107 ?            ?                   
# 
loop_
_pdbx_audit_revision_history.ordinal 
_pdbx_audit_revision_history.data_content_type 
_pdbx_audit_revision_history.major_revision 
_pdbx_audit_revision_history.minor_revision 
_pdbx_audit_revision_history.revision_date 
1 'Structure model' 1 0 2004-09-07 
2 'Structure model' 1 1 2008-04-29 
3 'Structure model' 1 2 2011-07-13 
4 'Structure model' 1 3 2018-03-07 
5 'Structure model' 1 4 2024-02-14 
# 
_pdbx_audit_revision_details.ordinal             1 
_pdbx_audit_revision_details.revision_ordinal    1 
_pdbx_audit_revision_details.data_content_type   'Structure model' 
_pdbx_audit_revision_details.provider            repository 
_pdbx_audit_revision_details.type                'Initial release' 
_pdbx_audit_revision_details.description         ? 
_pdbx_audit_revision_details.details             ? 
# 
loop_
_pdbx_audit_revision_group.ordinal 
_pdbx_audit_revision_group.revision_ordinal 
_pdbx_audit_revision_group.data_content_type 
_pdbx_audit_revision_group.group 
1 2 'Structure model' 'Version format compliance' 
2 3 'Structure model' 'Version format compliance' 
3 4 'Structure model' 'Data collection'           
4 5 'Structure model' 'Data collection'           
5 5 'Structure model' 'Database references'       
6 5 'Structure model' 'Derived calculations'      
# 
loop_
_pdbx_audit_revision_category.ordinal 
_pdbx_audit_revision_category.revision_ordinal 
_pdbx_audit_revision_category.data_content_type 
_pdbx_audit_revision_category.category 
1 4 'Structure model' diffrn_source  
2 5 'Structure model' chem_comp_atom 
3 5 'Structure model' chem_comp_bond 
4 5 'Structure model' database_2     
5 5 'Structure model' struct_site    
# 
loop_
_pdbx_audit_revision_item.ordinal 
_pdbx_audit_revision_item.revision_ordinal 
_pdbx_audit_revision_item.data_content_type 
_pdbx_audit_revision_item.item 
1 4 'Structure model' '_diffrn_source.source'               
2 5 'Structure model' '_database_2.pdbx_DOI'                
3 5 'Structure model' '_database_2.pdbx_database_accession' 
4 5 'Structure model' '_struct_site.pdbx_auth_asym_id'      
5 5 'Structure model' '_struct_site.pdbx_auth_comp_id'      
6 5 'Structure model' '_struct_site.pdbx_auth_seq_id'       
# 
_pdbx_database_status.status_code                     REL 
_pdbx_database_status.entry_id                        1QV4 
_pdbx_database_status.recvd_initial_deposition_date   2003-08-26 
_pdbx_database_status.deposit_site                    RCSB 
_pdbx_database_status.process_site                    RCSB 
_pdbx_database_status.status_code_sf                  REL 
_pdbx_database_status.SG_entry                        . 
_pdbx_database_status.pdb_format_compatible           Y 
_pdbx_database_status.status_code_mr                  ? 
_pdbx_database_status.status_code_cs                  ? 
_pdbx_database_status.methods_development_category    ? 
_pdbx_database_status.status_code_nmr_data            ? 
# 
_pdbx_database_related.db_name        PDB 
_pdbx_database_related.db_id          1QV8 
_pdbx_database_related.details        'B-DNA Dodecamer d(CGCGAATTCGCG)2 complexed with proamine' 
_pdbx_database_related.content_type   unspecified 
# 
loop_
_audit_author.name 
_audit_author.pdbx_ordinal 
'Squire, C.J.' 1 
'Clark, G.R.'  2 
# 
_citation.id                        primary 
_citation.title                     'In vitro studies with methylproamine: a potent new radioprotector.' 
_citation.journal_abbrev            'Cancer Res.' 
_citation.journal_volume            64 
_citation.page_first                1067 
_citation.page_last                 1070 
_citation.year                      2004 
_citation.journal_id_ASTM           CNREA8 
_citation.country                   US 
_citation.journal_id_ISSN           0008-5472 
_citation.journal_id_CSD            0400 
_citation.book_publisher            ? 
_citation.pdbx_database_id_PubMed   14871839 
_citation.pdbx_database_id_DOI      10.1158/0008-5472.CAN-03-2423 
# 
loop_
_citation_author.citation_id 
_citation_author.name 
_citation_author.ordinal 
_citation_author.identifier_ORCID 
primary 'Martin, R.F.'          1  ? 
primary 'Broadhurst, S.'        2  ? 
primary 'Reum, M.E.'            3  ? 
primary 'Squire, C.J.'          4  ? 
primary 'Clark, G.R.'           5  ? 
primary 'Lobachevsky, P.N.'     6  ? 
primary 'White, J.M.'           7  ? 
primary 'Clark, C.'             8  ? 
primary 'Sy, D.'                9  ? 
primary 'Spotheim-Maurizot, M.' 10 ? 
primary 'Kelly, D.P.'           11 ? 
# 
loop_
_entity.id 
_entity.type 
_entity.src_method 
_entity.pdbx_description 
_entity.formula_weight 
_entity.pdbx_number_of_molecules 
_entity.pdbx_ec 
_entity.pdbx_mutation 
_entity.pdbx_fragment 
_entity.details 
1 polymer     syn "5'-D(*CP*GP*CP*GP*AP*AP*TP*TP*CP*GP*CP*G)-3'"                                         3663.392 2 ? ? ? ? 
2 non-polymer syn "2'-(3-METHYL-4-DIMETHYLAMINOPHENYL)-5-(4-METHYL-1-PIPERAZINYL)-2,5'-BI-BENZIMIDAZOLE" 465.593  1 ? ? ? ? 
3 water       nat water                                                                                  18.015   8 ? ? ? ? 
# 
_entity_poly.entity_id                      1 
_entity_poly.type                           polydeoxyribonucleotide 
_entity_poly.nstd_linkage                   no 
_entity_poly.nstd_monomer                   no 
_entity_poly.pdbx_seq_one_letter_code       '(DC)(DG)(DC)(DG)(DA)(DA)(DT)(DT)(DC)(DG)(DC)(DG)' 
_entity_poly.pdbx_seq_one_letter_code_can   CGCGAATTCGCG 
_entity_poly.pdbx_strand_id                 A,B 
_entity_poly.pdbx_target_identifier         ? 
# 
loop_
_pdbx_entity_nonpoly.entity_id 
_pdbx_entity_nonpoly.name 
_pdbx_entity_nonpoly.comp_id 
2 "2'-(3-METHYL-4-DIMETHYLAMINOPHENYL)-5-(4-METHYL-1-PIPERAZINYL)-2,5'-BI-BENZIMIDAZOLE" MBB 
3 water                                                                                  HOH 
# 
loop_
_entity_poly_seq.entity_id 
_entity_poly_seq.num 
_entity_poly_seq.mon_id 
_entity_poly_seq.hetero 
1 1  DC n 
1 2  DG n 
1 3  DC n 
1 4  DG n 
1 5  DA n 
1 6  DA n 
1 7  DT n 
1 8  DT n 
1 9  DC n 
1 10 DG n 
1 11 DC n 
1 12 DG n 
# 
loop_
_chem_comp.id 
_chem_comp.type 
_chem_comp.mon_nstd_flag 
_chem_comp.name 
_chem_comp.pdbx_synonyms 
_chem_comp.formula 
_chem_comp.formula_weight 
DA  'DNA linking' y "2'-DEOXYADENOSINE-5'-MONOPHOSPHATE"                                                   ? 'C10 H14 N5 O6 P' 
331.222 
DC  'DNA linking' y "2'-DEOXYCYTIDINE-5'-MONOPHOSPHATE"                                                    ? 'C9 H14 N3 O7 P'  
307.197 
DG  'DNA linking' y "2'-DEOXYGUANOSINE-5'-MONOPHOSPHATE"                                                   ? 'C10 H14 N5 O7 P' 
347.221 
DT  'DNA linking' y "THYMIDINE-5'-MONOPHOSPHATE"                                                           ? 'C10 H15 N2 O8 P' 
322.208 
HOH non-polymer   . WATER                                                                                  ? 'H2 O'            
18.015  
MBB non-polymer   . "2'-(3-METHYL-4-DIMETHYLAMINOPHENYL)-5-(4-METHYL-1-PIPERAZINYL)-2,5'-BI-BENZIMIDAZOLE" ? 'C28 H31 N7'      
465.593 
# 
loop_
_pdbx_poly_seq_scheme.asym_id 
_pdbx_poly_seq_scheme.entity_id 
_pdbx_poly_seq_scheme.seq_id 
_pdbx_poly_seq_scheme.mon_id 
_pdbx_poly_seq_scheme.ndb_seq_num 
_pdbx_poly_seq_scheme.pdb_seq_num 
_pdbx_poly_seq_scheme.auth_seq_num 
_pdbx_poly_seq_scheme.pdb_mon_id 
_pdbx_poly_seq_scheme.auth_mon_id 
_pdbx_poly_seq_scheme.pdb_strand_id 
_pdbx_poly_seq_scheme.pdb_ins_code 
_pdbx_poly_seq_scheme.hetero 
A 1 1  DC 1  1  1  DC CYT A . n 
A 1 2  DG 2  2  2  DG GUA A . n 
A 1 3  DC 3  3  3  DC CYT A . n 
A 1 4  DG 4  4  4  DG GUA A . n 
A 1 5  DA 5  5  5  DA ADE A . n 
A 1 6  DA 6  6  6  DA ADE A . n 
A 1 7  DT 7  7  7  DT THY A . n 
A 1 8  DT 8  8  8  DT THY A . n 
A 1 9  DC 9  9  9  DC CYT A . n 
A 1 10 DG 10 10 10 DG GUA A . n 
A 1 11 DC 11 11 11 DC CYT A . n 
A 1 12 DG 12 12 12 DG GUA A . n 
B 1 1  DC 1  13 13 DC CYT B . n 
B 1 2  DG 2  14 14 DG GUA B . n 
B 1 3  DC 3  15 15 DC CYT B . n 
B 1 4  DG 4  16 16 DG GUA B . n 
B 1 5  DA 5  17 17 DA ADE B . n 
B 1 6  DA 6  18 18 DA ADE B . n 
B 1 7  DT 7  19 19 DT THY B . n 
B 1 8  DT 8  20 20 DT THY B . n 
B 1 9  DC 9  21 21 DC CYT B . n 
B 1 10 DG 10 22 22 DG GUA B . n 
B 1 11 DC 11 23 23 DC CYT B . n 
B 1 12 DG 12 24 24 DG GUA B . n 
# 
loop_
_pdbx_nonpoly_scheme.asym_id 
_pdbx_nonpoly_scheme.entity_id 
_pdbx_nonpoly_scheme.mon_id 
_pdbx_nonpoly_scheme.ndb_seq_num 
_pdbx_nonpoly_scheme.pdb_seq_num 
_pdbx_nonpoly_scheme.auth_seq_num 
_pdbx_nonpoly_scheme.pdb_mon_id 
_pdbx_nonpoly_scheme.auth_mon_id 
_pdbx_nonpoly_scheme.pdb_strand_id 
_pdbx_nonpoly_scheme.pdb_ins_code 
C 2 MBB 1 25 25 MBB MBB B . 
D 3 HOH 1 28 28 HOH HOH A . 
D 3 HOH 2 31 31 HOH HOH A . 
D 3 HOH 3 33 33 HOH HOH A . 
E 3 HOH 1 26 26 HOH HOH B . 
E 3 HOH 2 27 27 HOH HOH B . 
E 3 HOH 3 29 29 HOH HOH B . 
E 3 HOH 4 30 30 HOH HOH B . 
E 3 HOH 5 32 32 HOH HOH B . 
# 
loop_
_software.name 
_software.classification 
_software.version 
_software.citation_id 
_software.pdbx_ordinal 
Siemens 'data collection' SMART       ? 1 
SAINT   'data reduction'  '& SADABS'  ? 2 
CNS     refinement        .           ? 3 
SMART   'data reduction'  '(SIEMENS)' ? 4 
SAINT   'data scaling'    .           ? 5 
SADABS  'data scaling'    .           ? 6 
CNS     phasing           .           ? 7 
# 
_cell.entry_id           1QV4 
_cell.length_a           25.440 
_cell.length_b           40.640 
_cell.length_c           66.350 
_cell.angle_alpha        90.00 
_cell.angle_beta         90.00 
_cell.angle_gamma        90.00 
_cell.Z_PDB              8 
_cell.pdbx_unique_axis   ? 
# 
_symmetry.entry_id                         1QV4 
_symmetry.space_group_name_H-M             'P 21 21 21' 
_symmetry.pdbx_full_space_group_name_H-M   ? 
_symmetry.cell_setting                     ? 
_symmetry.Int_Tables_number                19 
_symmetry.space_group_name_Hall            ? 
# 
_exptl.entry_id          1QV4 
_exptl.method            'X-RAY DIFFRACTION' 
_exptl.crystals_number   1 
# 
_exptl_crystal.id                    1 
_exptl_crystal.density_meas          ? 
_exptl_crystal.density_Matthews      2.24 
_exptl_crystal.density_percent_sol   45.16 
_exptl_crystal.description           ? 
_exptl_crystal.F_000                 ? 
_exptl_crystal.preparation           ? 
# 
_diffrn.id                     1 
_diffrn.ambient_temp           293 
_diffrn.ambient_temp_details   ? 
_diffrn.crystal_id             1 
# 
_diffrn_detector.diffrn_id              1 
_diffrn_detector.detector               CCD 
_diffrn_detector.type                   SIEMENS 
_diffrn_detector.pdbx_collection_date   1997-10-11 
_diffrn_detector.details                ? 
# 
_diffrn_radiation.diffrn_id                        1 
_diffrn_radiation.wavelength_id                    1 
_diffrn_radiation.pdbx_monochromatic_or_laue_m_l   M 
_diffrn_radiation.monochromator                    graphite 
_diffrn_radiation.pdbx_diffrn_protocol             'SINGLE WAVELENGTH' 
_diffrn_radiation.pdbx_scattering_type             x-ray 
# 
_diffrn_radiation_wavelength.id           1 
_diffrn_radiation_wavelength.wavelength   0.71073 
_diffrn_radiation_wavelength.wt           1.0 
# 
_diffrn_source.diffrn_id                   1 
_diffrn_source.source                      'ROTATING ANODE' 
_diffrn_source.type                        SIEMENS 
_diffrn_source.pdbx_synchrotron_site       ? 
_diffrn_source.pdbx_synchrotron_beamline   ? 
_diffrn_source.pdbx_wavelength             ? 
_diffrn_source.pdbx_wavelength_list        0.71073 
# 
_reflns.entry_id                     1QV4 
_reflns.observed_criterion_sigma_F   0 
_reflns.observed_criterion_sigma_I   0 
_reflns.d_resolution_high            2.5 
_reflns.d_resolution_low             500 
_reflns.number_all                   ? 
_reflns.number_obs                   2513 
_reflns.percent_possible_obs         96.0 
_reflns.pdbx_Rmerge_I_obs            ? 
_reflns.pdbx_Rsym_value              ? 
_reflns.pdbx_netI_over_sigmaI        ? 
_reflns.B_iso_Wilson_estimate        ? 
_reflns.pdbx_redundancy              ? 
_reflns.R_free_details               ? 
_reflns.pdbx_chi_squared             ? 
_reflns.pdbx_scaling_rejects         ? 
_reflns.pdbx_diffrn_id               1 
_reflns.pdbx_ordinal                 1 
# 
_refine.entry_id                                 1QV4 
_refine.ls_d_res_high                            2.5 
_refine.ls_d_res_low                             8.0 
_refine.pdbx_ls_sigma_F                          0.0 
_refine.pdbx_ls_sigma_I                          0.0 
_refine.ls_number_reflns_all                     ? 
_refine.ls_number_reflns_obs                     2320 
_refine.ls_number_reflns_R_free                  236 
_refine.ls_percent_reflns_obs                    91.8 
_refine.ls_R_factor_all                          0.22 
_refine.ls_R_factor_obs                          0.22 
_refine.ls_R_factor_R_work                       0.228 
_refine.ls_R_factor_R_free                       0.247 
_refine.ls_redundancy_reflns_obs                 ? 
_refine.pdbx_data_cutoff_high_absF               ? 
_refine.pdbx_data_cutoff_low_absF                ? 
_refine.ls_number_parameters                     ? 
_refine.ls_number_restraints                     ? 
_refine.ls_percent_reflns_R_free                 9.3 
_refine.ls_R_factor_R_free_error                 ? 
_refine.ls_R_factor_R_free_error_details         ? 
_refine.pdbx_method_to_determine_struct          'MOLECULAR REPLACEMENT' 
_refine.pdbx_starting_model                      ? 
_refine.pdbx_ls_cross_valid_method               ? 
_refine.pdbx_R_Free_selection_details            ? 
_refine.pdbx_stereochem_target_val_spec_case     ? 
_refine.pdbx_stereochemistry_target_values       ? 
_refine.solvent_model_details                    ? 
_refine.solvent_model_param_bsol                 ? 
_refine.solvent_model_param_ksol                 ? 
_refine.occupancy_max                            ? 
_refine.occupancy_min                            ? 
_refine.pdbx_isotropic_thermal_model             ? 
_refine.B_iso_mean                               ? 
_refine.aniso_B[1][1]                            ? 
_refine.aniso_B[1][2]                            ? 
_refine.aniso_B[1][3]                            ? 
_refine.aniso_B[2][2]                            ? 
_refine.aniso_B[2][3]                            ? 
_refine.aniso_B[3][3]                            ? 
_refine.details                                  ? 
_refine.correlation_coeff_Fo_to_Fc               ? 
_refine.correlation_coeff_Fo_to_Fc_free          ? 
_refine.pdbx_solvent_vdw_probe_radii             ? 
_refine.pdbx_solvent_ion_probe_radii             ? 
_refine.pdbx_solvent_shrinkage_radii             ? 
_refine.overall_SU_R_Cruickshank_DPI             ? 
_refine.overall_SU_R_free                        ? 
_refine.overall_SU_B                             ? 
_refine.overall_SU_ML                            ? 
_refine.pdbx_overall_ESU_R                       ? 
_refine.pdbx_overall_ESU_R_Free                  ? 
_refine.pdbx_data_cutoff_high_rms_absF           ? 
_refine.ls_wR_factor_R_free                      ? 
_refine.ls_wR_factor_R_work                      ? 
_refine.overall_FOM_free_R_set                   ? 
_refine.overall_FOM_work_R_set                   ? 
_refine.pdbx_refine_id                           'X-RAY DIFFRACTION' 
_refine.pdbx_diffrn_id                           1 
_refine.pdbx_TLS_residual_ADP_flag               ? 
_refine.pdbx_overall_phase_error                 ? 
_refine.pdbx_overall_SU_R_free_Cruickshank_DPI   ? 
_refine.pdbx_overall_SU_R_Blow_DPI               ? 
_refine.pdbx_overall_SU_R_free_Blow_DPI          ? 
# 
_refine_hist.pdbx_refine_id                   'X-RAY DIFFRACTION' 
_refine_hist.cycle_id                         LAST 
_refine_hist.pdbx_number_atoms_protein        0 
_refine_hist.pdbx_number_atoms_nucleic_acid   486 
_refine_hist.pdbx_number_atoms_ligand         35 
_refine_hist.number_atoms_solvent             8 
_refine_hist.number_atoms_total               529 
_refine_hist.d_res_high                       2.5 
_refine_hist.d_res_low                        8.0 
# 
loop_
_refine_ls_restr.type 
_refine_ls_restr.dev_ideal 
_refine_ls_restr.dev_ideal_target 
_refine_ls_restr.weight 
_refine_ls_restr.number 
_refine_ls_restr.pdbx_refine_id 
_refine_ls_restr.pdbx_restraint_function 
c_bond_d     1.8   ?   ? ? 'X-RAY DIFFRACTION' ? 
c_angle_deg  3.35  ?   ? ? 'X-RAY DIFFRACTION' ? 
c_mcbond_it  1.804 1.5 ? ? 'X-RAY DIFFRACTION' ? 
c_scbond_it  2.056 2.0 ? ? 'X-RAY DIFFRACTION' ? 
c_mcangle_it 0.000 2.0 ? ? 'X-RAY DIFFRACTION' ? 
c_scangle_it 3.350 2.5 ? ? 'X-RAY DIFFRACTION' ? 
# 
loop_
_pdbx_xplor_file.serial_no 
_pdbx_xplor_file.param_file 
_pdbx_xplor_file.topol_file 
_pdbx_xplor_file.pdbx_refine_id 
1 dna-rna_rep.param ? 'X-RAY DIFFRACTION' 
2 mpro.param        ? 'X-RAY DIFFRACTION' 
3 water_rep.param   ? 'X-RAY DIFFRACTION' 
# 
_struct.entry_id                  1QV4 
_struct.title                     'B-DNA Dodecamer CGTGAATTCACG complexed with minor groove binder methylproamine' 
_struct.pdbx_model_details        ? 
_struct.pdbx_CASP_flag            ? 
_struct.pdbx_model_type_details   ? 
# 
_struct_keywords.entry_id        1QV4 
_struct_keywords.pdbx_keywords   DNA 
_struct_keywords.text            'B-DNA, minor groove binder, DNA' 
# 
loop_
_struct_asym.id 
_struct_asym.pdbx_blank_PDB_chainid_flag 
_struct_asym.pdbx_modified 
_struct_asym.entity_id 
_struct_asym.details 
A N N 1 ? 
B N N 1 ? 
C N N 2 ? 
D N N 3 ? 
E N N 3 ? 
# 
_struct_ref.id                         1 
_struct_ref.entity_id                  1 
_struct_ref.db_name                    PDB 
_struct_ref.db_code                    1QV4 
_struct_ref.pdbx_db_accession          1QV4 
_struct_ref.pdbx_db_isoform            ? 
_struct_ref.pdbx_seq_one_letter_code   ? 
_struct_ref.pdbx_align_begin           ? 
# 
loop_
_struct_ref_seq.align_id 
_struct_ref_seq.ref_id 
_struct_ref_seq.pdbx_PDB_id_code 
_struct_ref_seq.pdbx_strand_id 
_struct_ref_seq.seq_align_beg 
_struct_ref_seq.pdbx_seq_align_beg_ins_code 
_struct_ref_seq.seq_align_end 
_struct_ref_seq.pdbx_seq_align_end_ins_code 
_struct_ref_seq.pdbx_db_accession 
_struct_ref_seq.db_align_beg 
_struct_ref_seq.pdbx_db_align_beg_ins_code 
_struct_ref_seq.db_align_end 
_struct_ref_seq.pdbx_db_align_end_ins_code 
_struct_ref_seq.pdbx_auth_seq_align_beg 
_struct_ref_seq.pdbx_auth_seq_align_end 
1 1 1QV4 A 1 ? 12 ? 1QV4 1  ? 12 ? 1  12 
2 1 1QV4 B 1 ? 12 ? 1QV4 13 ? 24 ? 13 24 
# 
_pdbx_struct_assembly.id                   1 
_pdbx_struct_assembly.details              author_defined_assembly 
_pdbx_struct_assembly.method_details       ? 
_pdbx_struct_assembly.oligomeric_details   dimeric 
_pdbx_struct_assembly.oligomeric_count     2 
# 
_pdbx_struct_assembly_gen.assembly_id       1 
_pdbx_struct_assembly_gen.oper_expression   1 
_pdbx_struct_assembly_gen.asym_id_list      A,B,C,D,E 
# 
_pdbx_struct_oper_list.id                   1 
_pdbx_struct_oper_list.type                 'identity operation' 
_pdbx_struct_oper_list.name                 1_555 
_pdbx_struct_oper_list.symmetry_operation   x,y,z 
_pdbx_struct_oper_list.matrix[1][1]         1.0000000000 
_pdbx_struct_oper_list.matrix[1][2]         0.0000000000 
_pdbx_struct_oper_list.matrix[1][3]         0.0000000000 
_pdbx_struct_oper_list.vector[1]            0.0000000000 
_pdbx_struct_oper_list.matrix[2][1]         0.0000000000 
_pdbx_struct_oper_list.matrix[2][2]         1.0000000000 
_pdbx_struct_oper_list.matrix[2][3]         0.0000000000 
_pdbx_struct_oper_list.vector[2]            0.0000000000 
_pdbx_struct_oper_list.matrix[3][1]         0.0000000000 
_pdbx_struct_oper_list.matrix[3][2]         0.0000000000 
_pdbx_struct_oper_list.matrix[3][3]         1.0000000000 
_pdbx_struct_oper_list.vector[3]            0.0000000000 
# 
_struct_biol.id                    1 
_struct_biol.pdbx_parent_biol_id   ? 
_struct_biol.details               ? 
# 
loop_
_struct_conn.id 
_struct_conn.conn_type_id 
_struct_conn.pdbx_leaving_atom_flag 
_struct_conn.pdbx_PDB_id 
_struct_conn.ptnr1_label_asym_id 
_struct_conn.ptnr1_label_comp_id 
_struct_conn.ptnr1_label_seq_id 
_struct_conn.ptnr1_label_atom_id 
_struct_conn.pdbx_ptnr1_label_alt_id 
_struct_conn.pdbx_ptnr1_PDB_ins_code 
_struct_conn.pdbx_ptnr1_standard_comp_id 
_struct_conn.ptnr1_symmetry 
_struct_conn.ptnr2_label_asym_id 
_struct_conn.ptnr2_label_comp_id 
_struct_conn.ptnr2_label_seq_id 
_struct_conn.ptnr2_label_atom_id 
_struct_conn.pdbx_ptnr2_label_alt_id 
_struct_conn.pdbx_ptnr2_PDB_ins_code 
_struct_conn.ptnr1_auth_asym_id 
_struct_conn.ptnr1_auth_comp_id 
_struct_conn.ptnr1_auth_seq_id 
_struct_conn.ptnr2_auth_asym_id 
_struct_conn.ptnr2_auth_comp_id 
_struct_conn.ptnr2_auth_seq_id 
_struct_conn.ptnr2_symmetry 
_struct_conn.pdbx_ptnr3_label_atom_id 
_struct_conn.pdbx_ptnr3_label_seq_id 
_struct_conn.pdbx_ptnr3_label_comp_id 
_struct_conn.pdbx_ptnr3_label_asym_id 
_struct_conn.pdbx_ptnr3_label_alt_id 
_struct_conn.pdbx_ptnr3_PDB_ins_code 
_struct_conn.details 
_struct_conn.pdbx_dist_value 
_struct_conn.pdbx_value_order 
_struct_conn.pdbx_role 
hydrog1  hydrog ? ? A DC 1  N3 ? ? ? 1_555 B DG 12 N1 ? ? A DC 1  B DG 24 1_555 ? ? ? ? ? ? WATSON-CRICK ? ? ? 
hydrog2  hydrog ? ? A DC 1  N4 ? ? ? 1_555 B DG 12 O6 ? ? A DC 1  B DG 24 1_555 ? ? ? ? ? ? WATSON-CRICK ? ? ? 
hydrog3  hydrog ? ? A DC 1  O2 ? ? ? 1_555 B DG 12 N2 ? ? A DC 1  B DG 24 1_555 ? ? ? ? ? ? WATSON-CRICK ? ? ? 
hydrog4  hydrog ? ? A DG 2  N1 ? ? ? 1_555 B DC 11 N3 ? ? A DG 2  B DC 23 1_555 ? ? ? ? ? ? WATSON-CRICK ? ? ? 
hydrog5  hydrog ? ? A DG 2  N2 ? ? ? 1_555 B DC 11 O2 ? ? A DG 2  B DC 23 1_555 ? ? ? ? ? ? WATSON-CRICK ? ? ? 
hydrog6  hydrog ? ? A DG 2  O6 ? ? ? 1_555 B DC 11 N4 ? ? A DG 2  B DC 23 1_555 ? ? ? ? ? ? WATSON-CRICK ? ? ? 
hydrog7  hydrog ? ? A DC 3  N3 ? ? ? 1_555 B DG 10 N1 ? ? A DC 3  B DG 22 1_555 ? ? ? ? ? ? WATSON-CRICK ? ? ? 
hydrog8  hydrog ? ? A DC 3  N4 ? ? ? 1_555 B DG 10 O6 ? ? A DC 3  B DG 22 1_555 ? ? ? ? ? ? WATSON-CRICK ? ? ? 
hydrog9  hydrog ? ? A DC 3  O2 ? ? ? 1_555 B DG 10 N2 ? ? A DC 3  B DG 22 1_555 ? ? ? ? ? ? WATSON-CRICK ? ? ? 
hydrog10 hydrog ? ? A DG 4  N1 ? ? ? 1_555 B DC 9  N3 ? ? A DG 4  B DC 21 1_555 ? ? ? ? ? ? WATSON-CRICK ? ? ? 
hydrog11 hydrog ? ? A DG 4  N2 ? ? ? 1_555 B DC 9  O2 ? ? A DG 4  B DC 21 1_555 ? ? ? ? ? ? WATSON-CRICK ? ? ? 
hydrog12 hydrog ? ? A DG 4  O6 ? ? ? 1_555 B DC 9  N4 ? ? A DG 4  B DC 21 1_555 ? ? ? ? ? ? WATSON-CRICK ? ? ? 
hydrog13 hydrog ? ? A DA 5  N1 ? ? ? 1_555 B DT 8  N3 ? ? A DA 5  B DT 20 1_555 ? ? ? ? ? ? WATSON-CRICK ? ? ? 
hydrog14 hydrog ? ? A DA 5  N6 ? ? ? 1_555 B DT 8  O4 ? ? A DA 5  B DT 20 1_555 ? ? ? ? ? ? WATSON-CRICK ? ? ? 
hydrog15 hydrog ? ? A DA 6  N1 ? ? ? 1_555 B DT 7  N3 ? ? A DA 6  B DT 19 1_555 ? ? ? ? ? ? WATSON-CRICK ? ? ? 
hydrog16 hydrog ? ? A DA 6  N6 ? ? ? 1_555 B DT 7  O4 ? ? A DA 6  B DT 19 1_555 ? ? ? ? ? ? WATSON-CRICK ? ? ? 
hydrog17 hydrog ? ? A DT 7  N3 ? ? ? 1_555 B DA 6  N1 ? ? A DT 7  B DA 18 1_555 ? ? ? ? ? ? WATSON-CRICK ? ? ? 
hydrog18 hydrog ? ? A DT 7  O4 ? ? ? 1_555 B DA 6  N6 ? ? A DT 7  B DA 18 1_555 ? ? ? ? ? ? WATSON-CRICK ? ? ? 
hydrog19 hydrog ? ? A DT 8  N3 ? ? ? 1_555 B DA 5  N1 ? ? A DT 8  B DA 17 1_555 ? ? ? ? ? ? WATSON-CRICK ? ? ? 
hydrog20 hydrog ? ? A DT 8  O4 ? ? ? 1_555 B DA 5  N6 ? ? A DT 8  B DA 17 1_555 ? ? ? ? ? ? WATSON-CRICK ? ? ? 
hydrog21 hydrog ? ? A DC 9  N3 ? ? ? 1_555 B DG 4  N1 ? ? A DC 9  B DG 16 1_555 ? ? ? ? ? ? WATSON-CRICK ? ? ? 
hydrog22 hydrog ? ? A DC 9  N4 ? ? ? 1_555 B DG 4  O6 ? ? A DC 9  B DG 16 1_555 ? ? ? ? ? ? WATSON-CRICK ? ? ? 
hydrog23 hydrog ? ? A DC 9  O2 ? ? ? 1_555 B DG 4  N2 ? ? A DC 9  B DG 16 1_555 ? ? ? ? ? ? WATSON-CRICK ? ? ? 
hydrog24 hydrog ? ? A DG 10 N1 ? ? ? 1_555 B DC 3  N3 ? ? A DG 10 B DC 15 1_555 ? ? ? ? ? ? WATSON-CRICK ? ? ? 
hydrog25 hydrog ? ? A DG 10 N2 ? ? ? 1_555 B DC 3  O2 ? ? A DG 10 B DC 15 1_555 ? ? ? ? ? ? WATSON-CRICK ? ? ? 
hydrog26 hydrog ? ? A DG 10 O6 ? ? ? 1_555 B DC 3  N4 ? ? A DG 10 B DC 15 1_555 ? ? ? ? ? ? WATSON-CRICK ? ? ? 
hydrog27 hydrog ? ? A DC 11 N3 ? ? ? 1_555 B DG 2  N1 ? ? A DC 11 B DG 14 1_555 ? ? ? ? ? ? WATSON-CRICK ? ? ? 
hydrog28 hydrog ? ? A DC 11 N4 ? ? ? 1_555 B DG 2  O6 ? ? A DC 11 B DG 14 1_555 ? ? ? ? ? ? WATSON-CRICK ? ? ? 
hydrog29 hydrog ? ? A DC 11 O2 ? ? ? 1_555 B DG 2  N2 ? ? A DC 11 B DG 14 1_555 ? ? ? ? ? ? WATSON-CRICK ? ? ? 
hydrog30 hydrog ? ? A DG 12 N1 ? ? ? 1_555 B DC 1  N3 ? ? A DG 12 B DC 13 1_555 ? ? ? ? ? ? WATSON-CRICK ? ? ? 
hydrog31 hydrog ? ? A DG 12 N2 ? ? ? 1_555 B DC 1  O2 ? ? A DG 12 B DC 13 1_555 ? ? ? ? ? ? WATSON-CRICK ? ? ? 
hydrog32 hydrog ? ? A DG 12 O6 ? ? ? 1_555 B DC 1  N4 ? ? A DG 12 B DC 13 1_555 ? ? ? ? ? ? WATSON-CRICK ? ? ? 
# 
_struct_conn_type.id          hydrog 
_struct_conn_type.criteria    ? 
_struct_conn_type.reference   ? 
# 
loop_
_struct_site.id 
_struct_site.pdbx_evidence_code 
_struct_site.pdbx_auth_asym_id 
_struct_site.pdbx_auth_comp_id 
_struct_site.pdbx_auth_seq_id 
_struct_site.pdbx_auth_ins_code 
_struct_site.pdbx_num_residues 
_struct_site.details 
AC1 Software B MBB 25 ? 9 'BINDING SITE FOR RESIDUE MBB B 25' 
1   ?        ? ?   ?  ? ? ?                                   
# 
loop_
_struct_site_gen.id 
_struct_site_gen.site_id 
_struct_site_gen.pdbx_num_res 
_struct_site_gen.label_comp_id 
_struct_site_gen.label_asym_id 
_struct_site_gen.label_seq_id 
_struct_site_gen.pdbx_auth_ins_code 
_struct_site_gen.auth_comp_id 
_struct_site_gen.auth_asym_id 
_struct_site_gen.auth_seq_id 
_struct_site_gen.label_atom_id 
_struct_site_gen.label_alt_id 
_struct_site_gen.symmetry 
_struct_site_gen.details 
1 AC1 9 DA A 6 ? DA A 6  . ? 1_555 ? 
2 AC1 9 DT A 7 ? DT A 7  . ? 1_555 ? 
3 AC1 9 DT A 8 ? DT A 8  . ? 1_555 ? 
4 AC1 9 DC A 9 ? DC A 9  . ? 1_555 ? 
5 AC1 9 DG B 4 ? DG B 16 . ? 1_555 ? 
6 AC1 9 DA B 5 ? DA B 17 . ? 1_555 ? 
7 AC1 9 DA B 6 ? DA B 18 . ? 1_555 ? 
8 AC1 9 DT B 7 ? DT B 19 . ? 1_555 ? 
9 AC1 9 DT B 8 ? DT B 20 . ? 1_555 ? 
# 
_struct_site_keywords.site_id   1 
_struct_site_keywords.text      'Minor Groove Binder' 
# 
loop_
_chem_comp_atom.comp_id 
_chem_comp_atom.atom_id 
_chem_comp_atom.type_symbol 
_chem_comp_atom.pdbx_aromatic_flag 
_chem_comp_atom.pdbx_stereo_config 
_chem_comp_atom.pdbx_ordinal 
DA  OP3    O N N 1   
DA  P      P N N 2   
DA  OP1    O N N 3   
DA  OP2    O N N 4   
DA  "O5'"  O N N 5   
DA  "C5'"  C N N 6   
DA  "C4'"  C N R 7   
DA  "O4'"  O N N 8   
DA  "C3'"  C N S 9   
DA  "O3'"  O N N 10  
DA  "C2'"  C N N 11  
DA  "C1'"  C N R 12  
DA  N9     N Y N 13  
DA  C8     C Y N 14  
DA  N7     N Y N 15  
DA  C5     C Y N 16  
DA  C6     C Y N 17  
DA  N6     N N N 18  
DA  N1     N Y N 19  
DA  C2     C Y N 20  
DA  N3     N Y N 21  
DA  C4     C Y N 22  
DA  HOP3   H N N 23  
DA  HOP2   H N N 24  
DA  "H5'"  H N N 25  
DA  "H5''" H N N 26  
DA  "H4'"  H N N 27  
DA  "H3'"  H N N 28  
DA  "HO3'" H N N 29  
DA  "H2'"  H N N 30  
DA  "H2''" H N N 31  
DA  "H1'"  H N N 32  
DA  H8     H N N 33  
DA  H61    H N N 34  
DA  H62    H N N 35  
DA  H2     H N N 36  
DC  OP3    O N N 37  
DC  P      P N N 38  
DC  OP1    O N N 39  
DC  OP2    O N N 40  
DC  "O5'"  O N N 41  
DC  "C5'"  C N N 42  
DC  "C4'"  C N R 43  
DC  "O4'"  O N N 44  
DC  "C3'"  C N S 45  
DC  "O3'"  O N N 46  
DC  "C2'"  C N N 47  
DC  "C1'"  C N R 48  
DC  N1     N N N 49  
DC  C2     C N N 50  
DC  O2     O N N 51  
DC  N3     N N N 52  
DC  C4     C N N 53  
DC  N4     N N N 54  
DC  C5     C N N 55  
DC  C6     C N N 56  
DC  HOP3   H N N 57  
DC  HOP2   H N N 58  
DC  "H5'"  H N N 59  
DC  "H5''" H N N 60  
DC  "H4'"  H N N 61  
DC  "H3'"  H N N 62  
DC  "HO3'" H N N 63  
DC  "H2'"  H N N 64  
DC  "H2''" H N N 65  
DC  "H1'"  H N N 66  
DC  H41    H N N 67  
DC  H42    H N N 68  
DC  H5     H N N 69  
DC  H6     H N N 70  
DG  OP3    O N N 71  
DG  P      P N N 72  
DG  OP1    O N N 73  
DG  OP2    O N N 74  
DG  "O5'"  O N N 75  
DG  "C5'"  C N N 76  
DG  "C4'"  C N R 77  
DG  "O4'"  O N N 78  
DG  "C3'"  C N S 79  
DG  "O3'"  O N N 80  
DG  "C2'"  C N N 81  
DG  "C1'"  C N R 82  
DG  N9     N Y N 83  
DG  C8     C Y N 84  
DG  N7     N Y N 85  
DG  C5     C Y N 86  
DG  C6     C N N 87  
DG  O6     O N N 88  
DG  N1     N N N 89  
DG  C2     C N N 90  
DG  N2     N N N 91  
DG  N3     N N N 92  
DG  C4     C Y N 93  
DG  HOP3   H N N 94  
DG  HOP2   H N N 95  
DG  "H5'"  H N N 96  
DG  "H5''" H N N 97  
DG  "H4'"  H N N 98  
DG  "H3'"  H N N 99  
DG  "HO3'" H N N 100 
DG  "H2'"  H N N 101 
DG  "H2''" H N N 102 
DG  "H1'"  H N N 103 
DG  H8     H N N 104 
DG  H1     H N N 105 
DG  H21    H N N 106 
DG  H22    H N N 107 
DT  OP3    O N N 108 
DT  P      P N N 109 
DT  OP1    O N N 110 
DT  OP2    O N N 111 
DT  "O5'"  O N N 112 
DT  "C5'"  C N N 113 
DT  "C4'"  C N R 114 
DT  "O4'"  O N N 115 
DT  "C3'"  C N S 116 
DT  "O3'"  O N N 117 
DT  "C2'"  C N N 118 
DT  "C1'"  C N R 119 
DT  N1     N N N 120 
DT  C2     C N N 121 
DT  O2     O N N 122 
DT  N3     N N N 123 
DT  C4     C N N 124 
DT  O4     O N N 125 
DT  C5     C N N 126 
DT  C7     C N N 127 
DT  C6     C N N 128 
DT  HOP3   H N N 129 
DT  HOP2   H N N 130 
DT  "H5'"  H N N 131 
DT  "H5''" H N N 132 
DT  "H4'"  H N N 133 
DT  "H3'"  H N N 134 
DT  "HO3'" H N N 135 
DT  "H2'"  H N N 136 
DT  "H2''" H N N 137 
DT  "H1'"  H N N 138 
DT  H3     H N N 139 
DT  H71    H N N 140 
DT  H72    H N N 141 
DT  H73    H N N 142 
DT  H6     H N N 143 
HOH O      O N N 144 
HOH H1     H N N 145 
HOH H2     H N N 146 
MBB C      C Y N 147 
MBB C1     C Y N 148 
MBB C2     C Y N 149 
MBB C3     C Y N 150 
MBB C4     C Y N 151 
MBB C5     C Y N 152 
MBB N      N N N 153 
MBB C6     C Y N 154 
MBB C7     C Y N 155 
MBB C8     C Y N 156 
MBB C9     C Y N 157 
MBB C10    C Y N 158 
MBB C11    C Y N 159 
MBB C12    C Y N 160 
MBB N1     N Y N 161 
MBB N2     N Y N 162 
MBB C13    C Y N 163 
MBB C14    C Y N 164 
MBB C15    C Y N 165 
MBB C16    C Y N 166 
MBB C17    C Y N 167 
MBB C18    C Y N 168 
MBB N3     N Y N 169 
MBB N4     N Y N 170 
MBB C19    C Y N 171 
MBB N5     N N N 172 
MBB N6     N N N 173 
MBB C20    C N N 174 
MBB C21    C N N 175 
MBB C22    C N N 176 
MBB C23    C N N 177 
MBB C24    C N N 178 
MBB CN1    C N N 179 
MBB CN2    C N N 180 
MBB C25    C N N 181 
MBB H2     H N N 182 
MBB H3     H N N 183 
MBB H4     H N N 184 
MBB H9     H N N 185 
MBB H10    H N N 186 
MBB H12    H N N 187 
MBB HN2    H N N 188 
MBB H16    H N N 189 
MBB H17    H N N 190 
MBB HN4    H N N 191 
MBB H19    H N N 192 
MBB H201   H N N 193 
MBB H202   H N N 194 
MBB H211   H N N 195 
MBB H212   H N N 196 
MBB H221   H N N 197 
MBB H222   H N N 198 
MBB H231   H N N 199 
MBB H232   H N N 200 
MBB H241   H N N 201 
MBB H242   H N N 202 
MBB H243   H N N 203 
MBB HN11   H N N 204 
MBB HN12   H N N 205 
MBB HN13   H N N 206 
MBB HN21   H N N 207 
MBB HN22   H N N 208 
MBB HN23   H N N 209 
MBB H251   H N N 210 
MBB H252   H N N 211 
MBB H253   H N N 212 
# 
loop_
_chem_comp_bond.comp_id 
_chem_comp_bond.atom_id_1 
_chem_comp_bond.atom_id_2 
_chem_comp_bond.value_order 
_chem_comp_bond.pdbx_aromatic_flag 
_chem_comp_bond.pdbx_stereo_config 
_chem_comp_bond.pdbx_ordinal 
DA  OP3   P      sing N N 1   
DA  OP3   HOP3   sing N N 2   
DA  P     OP1    doub N N 3   
DA  P     OP2    sing N N 4   
DA  P     "O5'"  sing N N 5   
DA  OP2   HOP2   sing N N 6   
DA  "O5'" "C5'"  sing N N 7   
DA  "C5'" "C4'"  sing N N 8   
DA  "C5'" "H5'"  sing N N 9   
DA  "C5'" "H5''" sing N N 10  
DA  "C4'" "O4'"  sing N N 11  
DA  "C4'" "C3'"  sing N N 12  
DA  "C4'" "H4'"  sing N N 13  
DA  "O4'" "C1'"  sing N N 14  
DA  "C3'" "O3'"  sing N N 15  
DA  "C3'" "C2'"  sing N N 16  
DA  "C3'" "H3'"  sing N N 17  
DA  "O3'" "HO3'" sing N N 18  
DA  "C2'" "C1'"  sing N N 19  
DA  "C2'" "H2'"  sing N N 20  
DA  "C2'" "H2''" sing N N 21  
DA  "C1'" N9     sing N N 22  
DA  "C1'" "H1'"  sing N N 23  
DA  N9    C8     sing Y N 24  
DA  N9    C4     sing Y N 25  
DA  C8    N7     doub Y N 26  
DA  C8    H8     sing N N 27  
DA  N7    C5     sing Y N 28  
DA  C5    C6     sing Y N 29  
DA  C5    C4     doub Y N 30  
DA  C6    N6     sing N N 31  
DA  C6    N1     doub Y N 32  
DA  N6    H61    sing N N 33  
DA  N6    H62    sing N N 34  
DA  N1    C2     sing Y N 35  
DA  C2    N3     doub Y N 36  
DA  C2    H2     sing N N 37  
DA  N3    C4     sing Y N 38  
DC  OP3   P      sing N N 39  
DC  OP3   HOP3   sing N N 40  
DC  P     OP1    doub N N 41  
DC  P     OP2    sing N N 42  
DC  P     "O5'"  sing N N 43  
DC  OP2   HOP2   sing N N 44  
DC  "O5'" "C5'"  sing N N 45  
DC  "C5'" "C4'"  sing N N 46  
DC  "C5'" "H5'"  sing N N 47  
DC  "C5'" "H5''" sing N N 48  
DC  "C4'" "O4'"  sing N N 49  
DC  "C4'" "C3'"  sing N N 50  
DC  "C4'" "H4'"  sing N N 51  
DC  "O4'" "C1'"  sing N N 52  
DC  "C3'" "O3'"  sing N N 53  
DC  "C3'" "C2'"  sing N N 54  
DC  "C3'" "H3'"  sing N N 55  
DC  "O3'" "HO3'" sing N N 56  
DC  "C2'" "C1'"  sing N N 57  
DC  "C2'" "H2'"  sing N N 58  
DC  "C2'" "H2''" sing N N 59  
DC  "C1'" N1     sing N N 60  
DC  "C1'" "H1'"  sing N N 61  
DC  N1    C2     sing N N 62  
DC  N1    C6     sing N N 63  
DC  C2    O2     doub N N 64  
DC  C2    N3     sing N N 65  
DC  N3    C4     doub N N 66  
DC  C4    N4     sing N N 67  
DC  C4    C5     sing N N 68  
DC  N4    H41    sing N N 69  
DC  N4    H42    sing N N 70  
DC  C5    C6     doub N N 71  
DC  C5    H5     sing N N 72  
DC  C6    H6     sing N N 73  
DG  OP3   P      sing N N 74  
DG  OP3   HOP3   sing N N 75  
DG  P     OP1    doub N N 76  
DG  P     OP2    sing N N 77  
DG  P     "O5'"  sing N N 78  
DG  OP2   HOP2   sing N N 79  
DG  "O5'" "C5'"  sing N N 80  
DG  "C5'" "C4'"  sing N N 81  
DG  "C5'" "H5'"  sing N N 82  
DG  "C5'" "H5''" sing N N 83  
DG  "C4'" "O4'"  sing N N 84  
DG  "C4'" "C3'"  sing N N 85  
DG  "C4'" "H4'"  sing N N 86  
DG  "O4'" "C1'"  sing N N 87  
DG  "C3'" "O3'"  sing N N 88  
DG  "C3'" "C2'"  sing N N 89  
DG  "C3'" "H3'"  sing N N 90  
DG  "O3'" "HO3'" sing N N 91  
DG  "C2'" "C1'"  sing N N 92  
DG  "C2'" "H2'"  sing N N 93  
DG  "C2'" "H2''" sing N N 94  
DG  "C1'" N9     sing N N 95  
DG  "C1'" "H1'"  sing N N 96  
DG  N9    C8     sing Y N 97  
DG  N9    C4     sing Y N 98  
DG  C8    N7     doub Y N 99  
DG  C8    H8     sing N N 100 
DG  N7    C5     sing Y N 101 
DG  C5    C6     sing N N 102 
DG  C5    C4     doub Y N 103 
DG  C6    O6     doub N N 104 
DG  C6    N1     sing N N 105 
DG  N1    C2     sing N N 106 
DG  N1    H1     sing N N 107 
DG  C2    N2     sing N N 108 
DG  C2    N3     doub N N 109 
DG  N2    H21    sing N N 110 
DG  N2    H22    sing N N 111 
DG  N3    C4     sing N N 112 
DT  OP3   P      sing N N 113 
DT  OP3   HOP3   sing N N 114 
DT  P     OP1    doub N N 115 
DT  P     OP2    sing N N 116 
DT  P     "O5'"  sing N N 117 
DT  OP2   HOP2   sing N N 118 
DT  "O5'" "C5'"  sing N N 119 
DT  "C5'" "C4'"  sing N N 120 
DT  "C5'" "H5'"  sing N N 121 
DT  "C5'" "H5''" sing N N 122 
DT  "C4'" "O4'"  sing N N 123 
DT  "C4'" "C3'"  sing N N 124 
DT  "C4'" "H4'"  sing N N 125 
DT  "O4'" "C1'"  sing N N 126 
DT  "C3'" "O3'"  sing N N 127 
DT  "C3'" "C2'"  sing N N 128 
DT  "C3'" "H3'"  sing N N 129 
DT  "O3'" "HO3'" sing N N 130 
DT  "C2'" "C1'"  sing N N 131 
DT  "C2'" "H2'"  sing N N 132 
DT  "C2'" "H2''" sing N N 133 
DT  "C1'" N1     sing N N 134 
DT  "C1'" "H1'"  sing N N 135 
DT  N1    C2     sing N N 136 
DT  N1    C6     sing N N 137 
DT  C2    O2     doub N N 138 
DT  C2    N3     sing N N 139 
DT  N3    C4     sing N N 140 
DT  N3    H3     sing N N 141 
DT  C4    O4     doub N N 142 
DT  C4    C5     sing N N 143 
DT  C5    C7     sing N N 144 
DT  C5    C6     doub N N 145 
DT  C7    H71    sing N N 146 
DT  C7    H72    sing N N 147 
DT  C7    H73    sing N N 148 
DT  C6    H6     sing N N 149 
HOH O     H1     sing N N 150 
HOH O     H2     sing N N 151 
MBB C     C2     doub Y N 152 
MBB C     C4     sing Y N 153 
MBB C     N      sing N N 154 
MBB C1    C3     doub Y N 155 
MBB C1    C5     sing Y N 156 
MBB C1    C6     sing Y N 157 
MBB C2    C3     sing Y N 158 
MBB C2    H2     sing N N 159 
MBB C3    H3     sing N N 160 
MBB C4    C5     doub Y N 161 
MBB C4    H4     sing N N 162 
MBB C5    C25    sing N N 163 
MBB N     CN1    sing N N 164 
MBB N     CN2    sing N N 165 
MBB C6    N1     doub Y N 166 
MBB C6    N2     sing Y N 167 
MBB C7    C8     doub Y N 168 
MBB C7    C12    sing Y N 169 
MBB C7    N1     sing Y N 170 
MBB C8    C9     sing Y N 171 
MBB C8    N2     sing Y N 172 
MBB C9    C10    doub Y N 173 
MBB C9    H9     sing N N 174 
MBB C10   C11    sing Y N 175 
MBB C10   H10    sing N N 176 
MBB C11   C12    doub Y N 177 
MBB C11   C13    sing Y N 178 
MBB C12   H12    sing N N 179 
MBB N2    HN2    sing N N 180 
MBB C13   N3     doub Y N 181 
MBB C13   N4     sing Y N 182 
MBB C14   C15    doub Y N 183 
MBB C14   N3     sing Y N 184 
MBB C14   C19    sing Y N 185 
MBB C15   C16    sing Y N 186 
MBB C15   N4     sing Y N 187 
MBB C16   C17    doub Y N 188 
MBB C16   H16    sing N N 189 
MBB C17   C18    sing Y N 190 
MBB C17   H17    sing N N 191 
MBB C18   C19    doub Y N 192 
MBB C18   N5     sing N N 193 
MBB N4    HN4    sing N N 194 
MBB C19   H19    sing N N 195 
MBB N5    C20    sing N N 196 
MBB N5    C23    sing N N 197 
MBB N6    C21    sing N N 198 
MBB N6    C22    sing N N 199 
MBB N6    C24    sing N N 200 
MBB C20   C21    sing N N 201 
MBB C20   H201   sing N N 202 
MBB C20   H202   sing N N 203 
MBB C21   H211   sing N N 204 
MBB C21   H212   sing N N 205 
MBB C22   C23    sing N N 206 
MBB C22   H221   sing N N 207 
MBB C22   H222   sing N N 208 
MBB C23   H231   sing N N 209 
MBB C23   H232   sing N N 210 
MBB C24   H241   sing N N 211 
MBB C24   H242   sing N N 212 
MBB C24   H243   sing N N 213 
MBB CN1   HN11   sing N N 214 
MBB CN1   HN12   sing N N 215 
MBB CN1   HN13   sing N N 216 
MBB CN2   HN21   sing N N 217 
MBB CN2   HN22   sing N N 218 
MBB CN2   HN23   sing N N 219 
MBB C25   H251   sing N N 220 
MBB C25   H252   sing N N 221 
MBB C25   H253   sing N N 222 
# 
_ndb_struct_conf_na.entry_id   1QV4 
_ndb_struct_conf_na.feature    'b-form double helix' 
# 
loop_
_ndb_struct_na_base_pair.model_number 
_ndb_struct_na_base_pair.i_label_asym_id 
_ndb_struct_na_base_pair.i_label_comp_id 
_ndb_struct_na_base_pair.i_label_seq_id 
_ndb_struct_na_base_pair.i_symmetry 
_ndb_struct_na_base_pair.j_label_asym_id 
_ndb_struct_na_base_pair.j_label_comp_id 
_ndb_struct_na_base_pair.j_label_seq_id 
_ndb_struct_na_base_pair.j_symmetry 
_ndb_struct_na_base_pair.shear 
_ndb_struct_na_base_pair.stretch 
_ndb_struct_na_base_pair.stagger 
_ndb_struct_na_base_pair.buckle 
_ndb_struct_na_base_pair.propeller 
_ndb_struct_na_base_pair.opening 
_ndb_struct_na_base_pair.pair_number 
_ndb_struct_na_base_pair.pair_name 
_ndb_struct_na_base_pair.i_auth_asym_id 
_ndb_struct_na_base_pair.i_auth_seq_id 
_ndb_struct_na_base_pair.i_PDB_ins_code 
_ndb_struct_na_base_pair.j_auth_asym_id 
_ndb_struct_na_base_pair.j_auth_seq_id 
_ndb_struct_na_base_pair.j_PDB_ins_code 
_ndb_struct_na_base_pair.hbond_type_28 
_ndb_struct_na_base_pair.hbond_type_12 
1 A DC 1  1_555 B DG 12 1_555 0.167  -0.104 -0.203 4.227   -8.236  0.289  1  A_DC1:DG24_B  A 1  ? B 24 ? 19 1 
1 A DG 2  1_555 B DC 11 1_555 -0.177 -0.185 0.321  -3.446  -12.658 -4.340 2  A_DG2:DC23_B  A 2  ? B 23 ? 19 1 
1 A DC 3  1_555 B DG 10 1_555 -0.223 -0.274 -0.124 1.143   -2.274  -3.404 3  A_DC3:DG22_B  A 3  ? B 22 ? 19 1 
1 A DG 4  1_555 B DC 9  1_555 -0.501 -0.216 0.111  9.292   -7.598  1.917  4  A_DG4:DC21_B  A 4  ? B 21 ? 19 1 
1 A DA 5  1_555 B DT 8  1_555 0.035  -0.102 -0.134 1.911   -14.516 7.227  5  A_DA5:DT20_B  A 5  ? B 20 ? 20 1 
1 A DA 6  1_555 B DT 7  1_555 0.060  -0.104 0.126  5.429   -20.820 7.702  6  A_DA6:DT19_B  A 6  ? B 19 ? 20 1 
1 A DT 7  1_555 B DA 6  1_555 0.352  -0.150 0.137  -0.765  -13.671 10.487 7  A_DT7:DA18_B  A 7  ? B 18 ? 20 1 
1 A DT 8  1_555 B DA 5  1_555 -0.122 -0.218 0.331  -8.073  -12.182 -1.027 8  A_DT8:DA17_B  A 8  ? B 17 ? 20 1 
1 A DC 9  1_555 B DG 4  1_555 -0.186 -0.215 0.099  -10.597 -8.535  -1.557 9  A_DC9:DG16_B  A 9  ? B 16 ? 19 1 
1 A DG 10 1_555 B DC 3  1_555 0.164  -0.348 0.069  2.418   -2.078  -1.249 10 A_DG10:DC15_B A 10 ? B 15 ? 19 1 
1 A DC 11 1_555 B DG 2  1_555 -0.081 0.037  0.527  -3.411  -15.189 -8.441 11 A_DC11:DG14_B A 11 ? B 14 ? 19 1 
1 A DG 12 1_555 B DC 1  1_555 0.066  -0.223 0.076  6.628   -4.361  -5.856 12 A_DG12:DC13_B A 12 ? B 13 ? 19 1 
# 
loop_
_ndb_struct_na_base_pair_step.model_number 
_ndb_struct_na_base_pair_step.i_label_asym_id_1 
_ndb_struct_na_base_pair_step.i_label_comp_id_1 
_ndb_struct_na_base_pair_step.i_label_seq_id_1 
_ndb_struct_na_base_pair_step.i_symmetry_1 
_ndb_struct_na_base_pair_step.j_label_asym_id_1 
_ndb_struct_na_base_pair_step.j_label_comp_id_1 
_ndb_struct_na_base_pair_step.j_label_seq_id_1 
_ndb_struct_na_base_pair_step.j_symmetry_1 
_ndb_struct_na_base_pair_step.i_label_asym_id_2 
_ndb_struct_na_base_pair_step.i_label_comp_id_2 
_ndb_struct_na_base_pair_step.i_label_seq_id_2 
_ndb_struct_na_base_pair_step.i_symmetry_2 
_ndb_struct_na_base_pair_step.j_label_asym_id_2 
_ndb_struct_na_base_pair_step.j_label_comp_id_2 
_ndb_struct_na_base_pair_step.j_label_seq_id_2 
_ndb_struct_na_base_pair_step.j_symmetry_2 
_ndb_struct_na_base_pair_step.shift 
_ndb_struct_na_base_pair_step.slide 
_ndb_struct_na_base_pair_step.rise 
_ndb_struct_na_base_pair_step.tilt 
_ndb_struct_na_base_pair_step.roll 
_ndb_struct_na_base_pair_step.twist 
_ndb_struct_na_base_pair_step.x_displacement 
_ndb_struct_na_base_pair_step.y_displacement 
_ndb_struct_na_base_pair_step.helical_rise 
_ndb_struct_na_base_pair_step.inclination 
_ndb_struct_na_base_pair_step.tip 
_ndb_struct_na_base_pair_step.helical_twist 
_ndb_struct_na_base_pair_step.step_number 
_ndb_struct_na_base_pair_step.step_name 
_ndb_struct_na_base_pair_step.i_auth_asym_id_1 
_ndb_struct_na_base_pair_step.i_auth_seq_id_1 
_ndb_struct_na_base_pair_step.i_PDB_ins_code_1 
_ndb_struct_na_base_pair_step.j_auth_asym_id_1 
_ndb_struct_na_base_pair_step.j_auth_seq_id_1 
_ndb_struct_na_base_pair_step.j_PDB_ins_code_1 
_ndb_struct_na_base_pair_step.i_auth_asym_id_2 
_ndb_struct_na_base_pair_step.i_auth_seq_id_2 
_ndb_struct_na_base_pair_step.i_PDB_ins_code_2 
_ndb_struct_na_base_pair_step.j_auth_asym_id_2 
_ndb_struct_na_base_pair_step.j_auth_seq_id_2 
_ndb_struct_na_base_pair_step.j_PDB_ins_code_2 
1 A DC 1  1_555 B DG 12 1_555 A DG 2  1_555 B DC 11 1_555 -0.342 0.505  3.611 -3.315 5.062  36.536 0.034  0.040  3.662 8.006   
5.244  37.017 1  AA_DC1DG2:DC23DG24_BB   A 1  ? B 24 ? A 2  ? B 23 ? 
1 A DG 2  1_555 B DC 11 1_555 A DC 3  1_555 B DG 10 1_555 0.632  0.344  3.344 4.138  -5.075 34.795 1.334  -0.415 3.314 -8.394  
-6.845 35.387 2  AA_DG2DC3:DG22DC23_BB   A 2  ? B 23 ? A 3  ? B 22 ? 
1 A DC 3  1_555 B DG 10 1_555 A DG 4  1_555 B DC 9  1_555 0.142  0.981  3.220 1.020  7.172  30.652 0.442  -0.068 3.360 13.333  
-1.896 31.477 3  AA_DC3DG4:DC21DG22_BB   A 3  ? B 22 ? A 4  ? B 21 ? 
1 A DG 4  1_555 B DC 9  1_555 A DA 5  1_555 B DT 8  1_555 -0.086 0.208  3.553 1.851  5.755  36.303 -0.525 0.411  3.535 9.159   
-2.946 36.786 4  AA_DG4DA5:DT20DC21_BB   A 4  ? B 21 ? A 5  ? B 20 ? 
1 A DA 5  1_555 B DT 8  1_555 A DA 6  1_555 B DT 7  1_555 -0.090 0.052  3.005 -2.349 2.566  37.073 -0.232 -0.146 3.001 4.024   
3.685  37.231 5  AA_DA5DA6:DT19DT20_BB   A 5  ? B 20 ? A 6  ? B 19 ? 
1 A DA 6  1_555 B DT 7  1_555 A DT 7  1_555 B DA 6  1_555 0.091  -0.543 3.577 -1.018 1.959  35.924 -1.182 -0.305 3.539 3.172   
1.649  35.990 6  AA_DA6DT7:DA18DT19_BB   A 6  ? B 19 ? A 7  ? B 18 ? 
1 A DT 7  1_555 B DA 6  1_555 A DT 8  1_555 B DA 5  1_555 -0.406 -0.226 3.414 -1.396 -0.225 33.809 -0.349 0.463  3.429 -0.387  
2.399  33.837 7  AA_DT7DT8:DA17DA18_BB   A 7  ? B 18 ? A 8  ? B 17 ? 
1 A DT 8  1_555 B DA 5  1_555 A DC 9  1_555 B DG 4  1_555 0.006  -0.053 3.410 2.656  -0.147 37.349 -0.062 0.353  3.402 -0.230  
-4.140 37.440 8  AA_DT8DC9:DG16DA17_BB   A 8  ? B 17 ? A 9  ? B 16 ? 
1 A DC 9  1_555 B DG 4  1_555 A DG 10 1_555 B DC 3  1_555 0.319  1.207  3.116 -1.576 -0.913 32.684 2.291  -0.824 3.064 -1.620  
2.798  32.733 9  AA_DC9DG10:DC15DG16_BB  A 9  ? B 16 ? A 10 ? B 15 ? 
1 A DG 10 1_555 B DC 3  1_555 A DC 11 1_555 B DG 2  1_555 -1.180 0.565  3.720 -4.562 -6.470 36.816 1.838  1.150  3.687 -10.102 
7.122  37.629 10 AA_DG10DC11:DG14DC15_BB A 10 ? B 15 ? A 11 ? B 14 ? 
1 A DC 11 1_555 B DG 2  1_555 A DG 12 1_555 B DC 1  1_555 0.451  0.361  3.207 4.801  0.952  39.730 0.420  -0.114 3.245 1.394   
-7.032 40.019 11 AA_DC11DG12:DC13DG14_BB A 11 ? B 14 ? A 12 ? B 13 ? 
# 
_atom_sites.entry_id                    1QV4 
_atom_sites.fract_transf_matrix[1][1]   -0.00869093 
_atom_sites.fract_transf_matrix[1][2]   -0.02169889 
_atom_sites.fract_transf_matrix[1][3]   -0.03160292 
_atom_sites.fract_transf_matrix[2][1]   0.01238359 
_atom_sites.fract_transf_matrix[2][2]   0.01578604 
_atom_sites.fract_transf_matrix[2][3]   -0.01424440 
_atom_sites.fract_transf_matrix[3][1]   0.01259058 
_atom_sites.fract_transf_matrix[3][2]   -0.00802761 
_atom_sites.fract_transf_matrix[3][3]   0.00204938 
_atom_sites.fract_transf_vector[1]      0.581308 
_atom_sites.fract_transf_vector[2]      0.527197 
_atom_sites.fract_transf_vector[3]      0.126102 
# 
loop_
_atom_type.symbol 
C 
N 
O 
P 
# 
loop_
_atom_site.group_PDB 
_atom_site.id 
_atom_site.type_symbol 
_atom_site.label_atom_id 
_atom_site.label_alt_id 
_atom_site.label_comp_id 
_atom_site.label_asym_id 
_atom_site.label_entity_id 
_atom_site.label_seq_id 
_atom_site.pdbx_PDB_ins_code 
_atom_site.Cartn_x 
_atom_site.Cartn_y 
_atom_site.Cartn_z 
_atom_site.occupancy 
_atom_site.B_iso_or_equiv 
_atom_site.pdbx_formal_charge 
_atom_site.auth_seq_id 
_atom_site.auth_comp_id 
_atom_site.auth_asym_id 
_atom_site.auth_atom_id 
_atom_site.pdbx_PDB_model_num 
ATOM   1   O "O5'" . DC  A 1 1  ? 20.066  -3.957  -7.667  1.00 43.35 ? 1  DC  A "O5'" 1 
ATOM   2   C "C5'" . DC  A 1 1  ? 18.974  -3.317  -8.340  1.00 39.40 ? 1  DC  A "C5'" 1 
ATOM   3   C "C4'" . DC  A 1 1  ? 17.980  -4.376  -8.745  1.00 36.69 ? 1  DC  A "C4'" 1 
ATOM   4   O "O4'" . DC  A 1 1  ? 17.874  -5.328  -7.670  1.00 34.70 ? 1  DC  A "O4'" 1 
ATOM   5   C "C3'" . DC  A 1 1  ? 16.561  -3.883  -8.991  1.00 35.91 ? 1  DC  A "C3'" 1 
ATOM   6   O "O3'" . DC  A 1 1  ? 15.946  -4.772  -9.928  1.00 39.47 ? 1  DC  A "O3'" 1 
ATOM   7   C "C2'" . DC  A 1 1  ? 15.938  -3.987  -7.614  1.00 31.66 ? 1  DC  A "C2'" 1 
ATOM   8   C "C1'" . DC  A 1 1  ? 16.614  -5.223  -7.033  1.00 30.47 ? 1  DC  A "C1'" 1 
ATOM   9   N N1    . DC  A 1 1  ? 16.873  -5.168  -5.586  1.00 25.75 ? 1  DC  A N1    1 
ATOM   10  C C2    . DC  A 1 1  ? 16.764  -6.337  -4.829  1.00 21.69 ? 1  DC  A C2    1 
ATOM   11  O O2    . DC  A 1 1  ? 16.380  -7.383  -5.387  1.00 21.27 ? 1  DC  A O2    1 
ATOM   12  N N3    . DC  A 1 1  ? 17.064  -6.301  -3.516  1.00 18.38 ? 1  DC  A N3    1 
ATOM   13  C C4    . DC  A 1 1  ? 17.429  -5.151  -2.952  1.00 19.65 ? 1  DC  A C4    1 
ATOM   14  N N4    . DC  A 1 1  ? 17.709  -5.146  -1.646  1.00 17.95 ? 1  DC  A N4    1 
ATOM   15  C C5    . DC  A 1 1  ? 17.520  -3.946  -3.696  1.00 22.32 ? 1  DC  A C5    1 
ATOM   16  C C6    . DC  A 1 1  ? 17.238  -3.998  -4.996  1.00 23.54 ? 1  DC  A C6    1 
ATOM   17  P P     . DG  A 1 2  ? 14.440  -4.514  -10.426 1.00 43.15 ? 2  DG  A P     1 
ATOM   18  O OP1   . DG  A 1 2  ? 14.429  -4.810  -11.879 1.00 43.51 ? 2  DG  A OP1   1 
ATOM   19  O OP2   . DG  A 1 2  ? 13.916  -3.210  -9.933  1.00 44.52 ? 2  DG  A OP2   1 
ATOM   20  O "O5'" . DG  A 1 2  ? 13.621  -5.675  -9.721  1.00 39.66 ? 2  DG  A "O5'" 1 
ATOM   21  C "C5'" . DG  A 1 2  ? 13.914  -7.028  -10.009 1.00 36.15 ? 2  DG  A "C5'" 1 
ATOM   22  C "C4'" . DG  A 1 2  ? 12.903  -7.913  -9.331  1.00 35.42 ? 2  DG  A "C4'" 1 
ATOM   23  O "O4'" . DG  A 1 2  ? 13.163  -7.935  -7.906  1.00 33.69 ? 2  DG  A "O4'" 1 
ATOM   24  C "C3'" . DG  A 1 2  ? 11.475  -7.400  -9.500  1.00 34.28 ? 2  DG  A "C3'" 1 
ATOM   25  O "O3'" . DG  A 1 2  ? 10.595  -8.486  -9.745  1.00 35.61 ? 2  DG  A "O3'" 1 
ATOM   26  C "C2'" . DG  A 1 2  ? 11.167  -6.733  -8.173  1.00 31.97 ? 2  DG  A "C2'" 1 
ATOM   27  C "C1'" . DG  A 1 2  ? 12.025  -7.497  -7.181  1.00 31.01 ? 2  DG  A "C1'" 1 
ATOM   28  N N9    . DG  A 1 2  ? 12.503  -6.657  -6.091  1.00 28.64 ? 2  DG  A N9    1 
ATOM   29  C C8    . DG  A 1 2  ? 12.897  -5.343  -6.185  1.00 30.08 ? 2  DG  A C8    1 
ATOM   30  N N7    . DG  A 1 2  ? 13.262  -4.832  -5.038  1.00 25.92 ? 2  DG  A N7    1 
ATOM   31  C C5    . DG  A 1 2  ? 13.102  -5.870  -4.137  1.00 25.63 ? 2  DG  A C5    1 
ATOM   32  C C6    . DG  A 1 2  ? 13.342  -5.907  -2.753  1.00 23.58 ? 2  DG  A C6    1 
ATOM   33  O O6    . DG  A 1 2  ? 13.736  -4.988  -2.014  1.00 24.51 ? 2  DG  A O6    1 
ATOM   34  N N1    . DG  A 1 2  ? 13.078  -7.167  -2.226  1.00 22.64 ? 2  DG  A N1    1 
ATOM   35  C C2    . DG  A 1 2  ? 12.629  -8.246  -2.953  1.00 24.94 ? 2  DG  A C2    1 
ATOM   36  N N2    . DG  A 1 2  ? 12.443  -9.390  -2.275  1.00 24.66 ? 2  DG  A N2    1 
ATOM   37  N N3    . DG  A 1 2  ? 12.384  -8.209  -4.252  1.00 23.28 ? 2  DG  A N3    1 
ATOM   38  C C4    . DG  A 1 2  ? 12.643  -7.007  -4.773  1.00 24.02 ? 2  DG  A C4    1 
ATOM   39  P P     . DC  A 1 3  ? 9.040   -8.201  -9.984  1.00 36.90 ? 3  DC  A P     1 
ATOM   40  O OP1   . DC  A 1 3  ? 8.653   -8.968  -11.196 1.00 36.68 ? 3  DC  A OP1   1 
ATOM   41  O OP2   . DC  A 1 3  ? 8.820   -6.730  -9.938  1.00 36.48 ? 3  DC  A OP2   1 
ATOM   42  O "O5'" . DC  A 1 3  ? 8.388   -8.862  -8.694  1.00 35.43 ? 3  DC  A "O5'" 1 
ATOM   43  C "C5'" . DC  A 1 3  ? 9.029   -9.960  -8.053  1.00 32.15 ? 3  DC  A "C5'" 1 
ATOM   44  C "C4'" . DC  A 1 3  ? 8.432   -10.184 -6.686  1.00 31.34 ? 3  DC  A "C4'" 1 
ATOM   45  O "O4'" . DC  A 1 3  ? 9.105   -9.378  -5.684  1.00 30.05 ? 3  DC  A "O4'" 1 
ATOM   46  C "C3'" . DC  A 1 3  ? 6.949   -9.828  -6.619  1.00 30.72 ? 3  DC  A "C3'" 1 
ATOM   47  O "O3'" . DC  A 1 3  ? 6.193   -10.881 -6.046  1.00 33.39 ? 3  DC  A "O3'" 1 
ATOM   48  C "C2'" . DC  A 1 3  ? 6.900   -8.606  -5.726  1.00 30.38 ? 3  DC  A "C2'" 1 
ATOM   49  C "C1'" . DC  A 1 3  ? 8.149   -8.726  -4.866  1.00 28.71 ? 3  DC  A "C1'" 1 
ATOM   50  N N1    . DC  A 1 3  ? 8.705   -7.411  -4.493  1.00 24.88 ? 3  DC  A N1    1 
ATOM   51  C C2    . DC  A 1 3  ? 9.222   -7.219  -3.206  1.00 24.92 ? 3  DC  A C2    1 
ATOM   52  O O2    . DC  A 1 3  ? 9.221   -8.175  -2.409  1.00 28.95 ? 3  DC  A O2    1 
ATOM   53  N N3    . DC  A 1 3  ? 9.711   -6.004  -2.862  1.00 22.29 ? 3  DC  A N3    1 
ATOM   54  C C4    . DC  A 1 3  ? 9.707   -5.013  -3.751  1.00 23.11 ? 3  DC  A C4    1 
ATOM   55  N N4    . DC  A 1 3  ? 10.210  -3.838  -3.384  1.00 23.23 ? 3  DC  A N4    1 
ATOM   56  C C5    . DC  A 1 3  ? 9.191   -5.183  -5.064  1.00 23.70 ? 3  DC  A C5    1 
ATOM   57  C C6    . DC  A 1 3  ? 8.706   -6.387  -5.392  1.00 23.66 ? 3  DC  A C6    1 
ATOM   58  P P     . DG  A 1 4  ? 4.587   -10.815 -6.090  1.00 32.43 ? 4  DG  A P     1 
ATOM   59  O OP1   . DG  A 1 4  ? 4.106   -12.076 -6.708  1.00 32.41 ? 4  DG  A OP1   1 
ATOM   60  O OP2   . DG  A 1 4  ? 4.148   -9.515  -6.644  1.00 31.91 ? 4  DG  A OP2   1 
ATOM   61  O "O5'" . DG  A 1 4  ? 4.246   -10.904 -4.547  1.00 30.38 ? 4  DG  A "O5'" 1 
ATOM   62  C "C5'" . DG  A 1 4  ? 4.896   -11.895 -3.768  1.00 32.76 ? 4  DG  A "C5'" 1 
ATOM   63  C "C4'" . DG  A 1 4  ? 4.667   -11.628 -2.306  1.00 35.53 ? 4  DG  A "C4'" 1 
ATOM   64  O "O4'" . DG  A 1 4  ? 5.366   -10.421 -1.915  1.00 35.31 ? 4  DG  A "O4'" 1 
ATOM   65  C "C3'" . DG  A 1 4  ? 3.196   -11.390 -1.997  1.00 36.58 ? 4  DG  A "C3'" 1 
ATOM   66  O "O3'" . DG  A 1 4  ? 2.900   -11.962 -0.728  1.00 39.09 ? 4  DG  A "O3'" 1 
ATOM   67  C "C2'" . DG  A 1 4  ? 3.078   -9.876  -1.998  1.00 34.42 ? 4  DG  A "C2'" 1 
ATOM   68  C "C1'" . DG  A 1 4  ? 4.442   -9.428  -1.499  1.00 33.22 ? 4  DG  A "C1'" 1 
ATOM   69  N N9    . DG  A 1 4  ? 4.890   -8.143  -2.031  1.00 30.80 ? 4  DG  A N9    1 
ATOM   70  C C8    . DG  A 1 4  ? 4.642   -7.620  -3.279  1.00 29.03 ? 4  DG  A C8    1 
ATOM   71  N N7    . DG  A 1 4  ? 5.154   -6.428  -3.446  1.00 28.07 ? 4  DG  A N7    1 
ATOM   72  C C5    . DG  A 1 4  ? 5.793   -6.157  -2.241  1.00 28.90 ? 4  DG  A C5    1 
ATOM   73  C C6    . DG  A 1 4  ? 6.540   -5.009  -1.822  1.00 28.87 ? 4  DG  A C6    1 
ATOM   74  O O6    . DG  A 1 4  ? 6.839   -3.999  -2.479  1.00 30.76 ? 4  DG  A O6    1 
ATOM   75  N N1    . DG  A 1 4  ? 6.965   -5.129  -0.502  1.00 26.90 ? 4  DG  A N1    1 
ATOM   76  C C2    . DG  A 1 4  ? 6.731   -6.217  0.303   1.00 28.97 ? 4  DG  A C2    1 
ATOM   77  N N2    . DG  A 1 4  ? 7.184   -6.131  1.561   1.00 26.84 ? 4  DG  A N2    1 
ATOM   78  N N3    . DG  A 1 4  ? 6.084   -7.311  -0.092  1.00 29.48 ? 4  DG  A N3    1 
ATOM   79  C C4    . DG  A 1 4  ? 5.636   -7.205  -1.359  1.00 29.21 ? 4  DG  A C4    1 
ATOM   80  P P     . DA  A 1 5  ? 1.470   -11.718 -0.063  1.00 41.71 ? 5  DA  A P     1 
ATOM   81  O OP1   . DA  A 1 5  ? 1.031   -13.021 0.498   1.00 41.58 ? 5  DA  A OP1   1 
ATOM   82  O OP2   . DA  A 1 5  ? 0.598   -10.989 -1.028  1.00 41.34 ? 5  DA  A OP2   1 
ATOM   83  O "O5'" . DA  A 1 5  ? 1.818   -10.756 1.148   1.00 41.23 ? 5  DA  A "O5'" 1 
ATOM   84  C "C5'" . DA  A 1 5  ? 2.921   -11.055 1.993   1.00 38.31 ? 5  DA  A "C5'" 1 
ATOM   85  C "C4'" . DA  A 1 5  ? 3.071   -9.980  3.039   1.00 36.38 ? 5  DA  A "C4'" 1 
ATOM   86  O "O4'" . DA  A 1 5  ? 3.513   -8.748  2.424   1.00 34.22 ? 5  DA  A "O4'" 1 
ATOM   87  C "C3'" . DA  A 1 5  ? 1.770   -9.644  3.759   1.00 36.00 ? 5  DA  A "C3'" 1 
ATOM   88  O "O3'" . DA  A 1 5  ? 2.086   -9.348  5.118   1.00 36.74 ? 5  DA  A "O3'" 1 
ATOM   89  C "C2'" . DA  A 1 5  ? 1.264   -8.423  3.006   1.00 34.51 ? 5  DA  A "C2'" 1 
ATOM   90  C "C1'" . DA  A 1 5  ? 2.558   -7.719  2.634   1.00 31.74 ? 5  DA  A "C1'" 1 
ATOM   91  N N9    . DA  A 1 5  ? 2.518   -6.912  1.414   1.00 30.22 ? 5  DA  A N9    1 
ATOM   92  C C8    . DA  A 1 5  ? 1.924   -7.212  0.214   1.00 29.65 ? 5  DA  A C8    1 
ATOM   93  N N7    . DA  A 1 5  ? 2.116   -6.300  -0.714  1.00 29.22 ? 5  DA  A N7    1 
ATOM   94  C C5    . DA  A 1 5  ? 2.887   -5.332  -0.076  1.00 28.34 ? 5  DA  A C5    1 
ATOM   95  C C6    . DA  A 1 5  ? 3.446   -4.111  -0.520  1.00 27.17 ? 5  DA  A C6    1 
ATOM   96  N N6    . DA  A 1 5  ? 3.351   -3.660  -1.772  1.00 27.18 ? 5  DA  A N6    1 
ATOM   97  N N1    . DA  A 1 5  ? 4.128   -3.366  0.377   1.00 27.00 ? 5  DA  A N1    1 
ATOM   98  C C2    . DA  A 1 5  ? 4.262   -3.834  1.624   1.00 28.63 ? 5  DA  A C2    1 
ATOM   99  N N3    . DA  A 1 5  ? 3.810   -4.976  2.153   1.00 29.64 ? 5  DA  A N3    1 
ATOM   100 C C4    . DA  A 1 5  ? 3.120   -5.686  1.239   1.00 28.99 ? 5  DA  A C4    1 
ATOM   101 P P     . DA  A 1 6  ? 0.913   -9.119  6.182   1.00 36.18 ? 6  DA  A P     1 
ATOM   102 O OP1   . DA  A 1 6  ? 1.301   -9.848  7.425   1.00 33.76 ? 6  DA  A OP1   1 
ATOM   103 O OP2   . DA  A 1 6  ? -0.383  -9.411  5.509   1.00 35.50 ? 6  DA  A OP2   1 
ATOM   104 O "O5'" . DA  A 1 6  ? 1.029   -7.568  6.513   1.00 33.37 ? 6  DA  A "O5'" 1 
ATOM   105 C "C5'" . DA  A 1 6  ? 2.242   -7.070  7.057   1.00 29.66 ? 6  DA  A "C5'" 1 
ATOM   106 C "C4'" . DA  A 1 6  ? 2.260   -5.562  7.046   1.00 28.84 ? 6  DA  A "C4'" 1 
ATOM   107 O "O4'" . DA  A 1 6  ? 2.305   -5.042  5.692   1.00 25.81 ? 6  DA  A "O4'" 1 
ATOM   108 C "C3'" . DA  A 1 6  ? 1.092   -4.866  7.748   1.00 25.29 ? 6  DA  A "C3'" 1 
ATOM   109 O "O3'" . DA  A 1 6  ? 1.655   -3.865  8.594   1.00 26.71 ? 6  DA  A "O3'" 1 
ATOM   110 C "C2'" . DA  A 1 6  ? 0.295   -4.263  6.602   1.00 23.53 ? 6  DA  A "C2'" 1 
ATOM   111 C "C1'" . DA  A 1 6  ? 1.368   -3.991  5.554   1.00 23.36 ? 6  DA  A "C1'" 1 
ATOM   112 N N9    . DA  A 1 6  ? 0.918   -3.986  4.162   1.00 22.15 ? 6  DA  A N9    1 
ATOM   113 C C8    . DA  A 1 6  ? 0.105   -4.895  3.536   1.00 20.73 ? 6  DA  A C8    1 
ATOM   114 N N7    . DA  A 1 6  ? -0.094  -4.638  2.262   1.00 21.07 ? 6  DA  A N7    1 
ATOM   115 C C5    . DA  A 1 6  ? 0.639   -3.483  2.034   1.00 19.60 ? 6  DA  A C5    1 
ATOM   116 C C6    . DA  A 1 6  ? 0.839   -2.699  0.883   1.00 18.96 ? 6  DA  A C6    1 
ATOM   117 N N6    . DA  A 1 6  ? 0.345   -2.998  -0.323  1.00 15.85 ? 6  DA  A N6    1 
ATOM   118 N N1    . DA  A 1 6  ? 1.583   -1.584  1.010   1.00 17.73 ? 6  DA  A N1    1 
ATOM   119 C C2    . DA  A 1 6  ? 2.105   -1.300  2.204   1.00 16.68 ? 6  DA  A C2    1 
ATOM   120 N N3    . DA  A 1 6  ? 2.010   -1.967  3.348   1.00 18.38 ? 6  DA  A N3    1 
ATOM   121 C C4    . DA  A 1 6  ? 1.252   -3.058  3.198   1.00 20.40 ? 6  DA  A C4    1 
ATOM   122 P P     . DT  A 1 7  ? 0.725   -3.025  9.588   1.00 29.95 ? 7  DT  A P     1 
ATOM   123 O OP1   . DT  A 1 7  ? 1.320   -3.015  10.942  1.00 28.01 ? 7  DT  A OP1   1 
ATOM   124 O OP2   . DT  A 1 7  ? -0.681  -3.436  9.405   1.00 27.55 ? 7  DT  A OP2   1 
ATOM   125 O "O5'" . DT  A 1 7  ? 0.928   -1.558  9.042   1.00 27.74 ? 7  DT  A "O5'" 1 
ATOM   126 C "C5'" . DT  A 1 7  ? 1.003   -1.355  7.648   1.00 29.44 ? 7  DT  A "C5'" 1 
ATOM   127 C "C4'" . DT  A 1 7  ? 1.131   0.111   7.351   1.00 29.09 ? 7  DT  A "C4'" 1 
ATOM   128 O "O4'" . DT  A 1 7  ? 0.923   0.247   5.931   1.00 28.94 ? 7  DT  A "O4'" 1 
ATOM   129 C "C3'" . DT  A 1 7  ? 0.035   0.927   8.025   1.00 27.81 ? 7  DT  A "C3'" 1 
ATOM   130 O "O3'" . DT  A 1 7  ? 0.556   2.187   8.448   1.00 27.74 ? 7  DT  A "O3'" 1 
ATOM   131 C "C2'" . DT  A 1 7  ? -1.053  1.033   6.972   1.00 25.64 ? 7  DT  A "C2'" 1 
ATOM   132 C "C1'" . DT  A 1 7  ? -0.307  0.893   5.654   1.00 28.06 ? 7  DT  A "C1'" 1 
ATOM   133 N N1    . DT  A 1 7  ? -0.998  0.074   4.648   1.00 28.22 ? 7  DT  A N1    1 
ATOM   134 C C2    . DT  A 1 7  ? -1.005  0.521   3.344   1.00 30.27 ? 7  DT  A C2    1 
ATOM   135 O O2    . DT  A 1 7  ? -0.489  1.579   2.998   1.00 29.56 ? 7  DT  A O2    1 
ATOM   136 N N3    . DT  A 1 7  ? -1.638  -0.320  2.455   1.00 28.61 ? 7  DT  A N3    1 
ATOM   137 C C4    . DT  A 1 7  ? -2.237  -1.530  2.743   1.00 28.40 ? 7  DT  A C4    1 
ATOM   138 O O4    . DT  A 1 7  ? -2.734  -2.205  1.843   1.00 32.38 ? 7  DT  A O4    1 
ATOM   139 C C5    . DT  A 1 7  ? -2.211  -1.913  4.133   1.00 26.47 ? 7  DT  A C5    1 
ATOM   140 C C7    . DT  A 1 7  ? -2.860  -3.198  4.534   1.00 24.33 ? 7  DT  A C7    1 
ATOM   141 C C6    . DT  A 1 7  ? -1.604  -1.104  5.003   1.00 24.10 ? 7  DT  A C6    1 
ATOM   142 P P     . DT  A 1 8  ? -0.424  3.269   9.102   1.00 28.53 ? 8  DT  A P     1 
ATOM   143 O OP1   . DT  A 1 8  ? 0.425   4.086   9.999   1.00 29.38 ? 8  DT  A OP1   1 
ATOM   144 O OP2   . DT  A 1 8  ? -1.614  2.570   9.645   1.00 30.33 ? 8  DT  A OP2   1 
ATOM   145 O "O5'" . DT  A 1 8  ? -0.849  4.156   7.855   1.00 26.91 ? 8  DT  A "O5'" 1 
ATOM   146 C "C5'" . DT  A 1 8  ? 0.169   4.660   7.003   1.00 27.81 ? 8  DT  A "C5'" 1 
ATOM   147 C "C4'" . DT  A 1 8  ? -0.417  5.458   5.865   1.00 29.38 ? 8  DT  A "C4'" 1 
ATOM   148 O "O4'" . DT  A 1 8  ? -0.941  4.591   4.827   1.00 27.43 ? 8  DT  A "O4'" 1 
ATOM   149 C "C3'" . DT  A 1 8  ? -1.529  6.433   6.236   1.00 30.56 ? 8  DT  A "C3'" 1 
ATOM   150 O "O3'" . DT  A 1 8  ? -1.229  7.707   5.663   1.00 32.66 ? 8  DT  A "O3'" 1 
ATOM   151 C "C2'" . DT  A 1 8  ? -2.774  5.814   5.621   1.00 29.04 ? 8  DT  A "C2'" 1 
ATOM   152 C "C1'" . DT  A 1 8  ? -2.229  5.026   4.439   1.00 28.59 ? 8  DT  A "C1'" 1 
ATOM   153 N N1    . DT  A 1 8  ? -3.014  3.828   4.050   1.00 27.67 ? 8  DT  A N1    1 
ATOM   154 C C2    . DT  A 1 8  ? -3.378  3.694   2.720   1.00 29.08 ? 8  DT  A C2    1 
ATOM   155 O O2    . DT  A 1 8  ? -3.103  4.523   1.873   1.00 30.03 ? 8  DT  A O2    1 
ATOM   156 N N3    . DT  A 1 8  ? -4.085  2.547   2.421   1.00 28.31 ? 8  DT  A N3    1 
ATOM   157 C C4    . DT  A 1 8  ? -4.471  1.558   3.306   1.00 27.17 ? 8  DT  A C4    1 
ATOM   158 O O4    . DT  A 1 8  ? -5.101  0.594   2.908   1.00 26.12 ? 8  DT  A O4    1 
ATOM   159 C C5    . DT  A 1 8  ? -4.076  1.772   4.683   1.00 28.48 ? 8  DT  A C5    1 
ATOM   160 C C7    . DT  A 1 8  ? -4.486  0.764   5.711   1.00 25.70 ? 8  DT  A C7    1 
ATOM   161 C C6    . DT  A 1 8  ? -3.365  2.876   4.980   1.00 26.71 ? 8  DT  A C6    1 
ATOM   162 P P     . DC  A 1 9  ? -2.279  8.909   5.793   1.00 33.64 ? 9  DC  A P     1 
ATOM   163 O OP1   . DC  A 1 9  ? -1.478  10.153  5.880   1.00 34.25 ? 9  DC  A OP1   1 
ATOM   164 O OP2   . DC  A 1 9  ? -3.276  8.597   6.839   1.00 33.35 ? 9  DC  A OP2   1 
ATOM   165 O "O5'" . DC  A 1 9  ? -3.001  8.872   4.379   1.00 35.10 ? 9  DC  A "O5'" 1 
ATOM   166 C "C5'" . DC  A 1 9  ? -2.221  8.838   3.192   1.00 38.24 ? 9  DC  A "C5'" 1 
ATOM   167 C "C4'" . DC  A 1 9  ? -3.101  9.111   2.002   1.00 41.88 ? 9  DC  A "C4'" 1 
ATOM   168 O "O4'" . DC  A 1 9  ? -3.788  7.894   1.605   1.00 41.53 ? 9  DC  A "O4'" 1 
ATOM   169 C "C3'" . DC  A 1 9  ? -4.181  10.130  2.340   1.00 43.59 ? 9  DC  A "C3'" 1 
ATOM   170 O "O3'" . DC  A 1 9  ? -4.359  11.059  1.268   1.00 45.06 ? 9  DC  A "O3'" 1 
ATOM   171 C "C2'" . DC  A 1 9  ? -5.411  9.269   2.579   1.00 42.27 ? 9  DC  A "C2'" 1 
ATOM   172 C "C1'" . DC  A 1 9  ? -5.190  8.082   1.652   1.00 38.77 ? 9  DC  A "C1'" 1 
ATOM   173 N N1    . DC  A 1 9  ? -5.796  6.825   2.127   1.00 35.81 ? 9  DC  A N1    1 
ATOM   174 C C2    . DC  A 1 9  ? -6.370  5.942   1.196   1.00 34.32 ? 9  DC  A C2    1 
ATOM   175 O O2    . DC  A 1 9  ? -6.351  6.235   -0.011  1.00 32.10 ? 9  DC  A O2    1 
ATOM   176 N N3    . DC  A 1 9  ? -6.930  4.792   1.640   1.00 31.95 ? 9  DC  A N3    1 
ATOM   177 C C4    . DC  A 1 9  ? -6.932  4.512   2.944   1.00 31.55 ? 9  DC  A C4    1 
ATOM   178 N N4    . DC  A 1 9  ? -7.486  3.360   3.336   1.00 31.79 ? 9  DC  A N4    1 
ATOM   179 C C5    . DC  A 1 9  ? -6.363  5.394   3.905   1.00 30.74 ? 9  DC  A C5    1 
ATOM   180 C C6    . DC  A 1 9  ? -5.806  6.524   3.458   1.00 33.74 ? 9  DC  A C6    1 
ATOM   181 P P     . DG  A 1 10 ? -5.101  12.459  1.549   1.00 47.33 ? 10 DG  A P     1 
ATOM   182 O OP1   . DG  A 1 10 ? -4.102  13.544  1.352   1.00 45.57 ? 10 DG  A OP1   1 
ATOM   183 O OP2   . DG  A 1 10 ? -5.864  12.378  2.831   1.00 44.40 ? 10 DG  A OP2   1 
ATOM   184 O "O5'" . DG  A 1 10 ? -6.156  12.523  0.365   1.00 44.48 ? 10 DG  A "O5'" 1 
ATOM   185 C "C5'" . DG  A 1 10 ? -5.846  11.954  -0.903  1.00 43.88 ? 10 DG  A "C5'" 1 
ATOM   186 C "C4'" . DG  A 1 10 ? -7.087  11.348  -1.508  1.00 42.85 ? 10 DG  A "C4'" 1 
ATOM   187 O "O4'" . DG  A 1 10 ? -7.390  10.078  -0.881  1.00 41.88 ? 10 DG  A "O4'" 1 
ATOM   188 C "C3'" . DG  A 1 10 ? -8.327  12.220  -1.311  1.00 43.50 ? 10 DG  A "C3'" 1 
ATOM   189 O "O3'" . DG  A 1 10 ? -9.150  12.103  -2.457  1.00 47.25 ? 10 DG  A "O3'" 1 
ATOM   190 C "C2'" . DG  A 1 10 ? -9.032  11.561  -0.144  1.00 40.65 ? 10 DG  A "C2'" 1 
ATOM   191 C "C1'" . DG  A 1 10 ? -8.736  10.107  -0.428  1.00 38.69 ? 10 DG  A "C1'" 1 
ATOM   192 N N9    . DG  A 1 10 ? -8.872  9.218   0.719   1.00 35.71 ? 10 DG  A N9    1 
ATOM   193 C C8    . DG  A 1 10 ? -8.600  9.507   2.036   1.00 34.01 ? 10 DG  A C8    1 
ATOM   194 N N7    . DG  A 1 10 ? -8.904  8.529   2.848   1.00 32.62 ? 10 DG  A N7    1 
ATOM   195 C C5    . DG  A 1 10 ? -9.394  7.527   2.017   1.00 30.75 ? 10 DG  A C5    1 
ATOM   196 C C6    . DG  A 1 10 ? -9.900  6.239   2.333   1.00 28.96 ? 10 DG  A C6    1 
ATOM   197 O O6    . DG  A 1 10 ? -10.035 5.712   3.451   1.00 28.64 ? 10 DG  A O6    1 
ATOM   198 N N1    . DG  A 1 10 ? -10.275 5.544   1.188   1.00 27.26 ? 10 DG  A N1    1 
ATOM   199 C C2    . DG  A 1 10 ? -10.178 6.025   -0.099  1.00 27.89 ? 10 DG  A C2    1 
ATOM   200 N N2    . DG  A 1 10 ? -10.575 5.196   -1.074  1.00 23.72 ? 10 DG  A N2    1 
ATOM   201 N N3    . DG  A 1 10 ? -9.721  7.231   -0.405  1.00 29.50 ? 10 DG  A N3    1 
ATOM   202 C C4    . DG  A 1 10 ? -9.354  7.923   0.696   1.00 32.48 ? 10 DG  A C4    1 
ATOM   203 P P     . DC  A 1 11 ? -9.817  13.410  -3.091  1.00 49.44 ? 11 DC  A P     1 
ATOM   204 O OP1   . DC  A 1 11 ? -8.684  14.297  -3.473  1.00 50.34 ? 11 DC  A OP1   1 
ATOM   205 O OP2   . DC  A 1 11 ? -10.871 13.901  -2.158  1.00 47.69 ? 11 DC  A OP2   1 
ATOM   206 O "O5'" . DC  A 1 11 ? -10.484 12.840  -4.418  1.00 47.43 ? 11 DC  A "O5'" 1 
ATOM   207 C "C5'" . DC  A 1 11 ? -9.702  12.067  -5.320  1.00 46.63 ? 11 DC  A "C5'" 1 
ATOM   208 C "C4'" . DC  A 1 11 ? -10.393 10.763  -5.649  1.00 46.80 ? 11 DC  A "C4'" 1 
ATOM   209 O "O4'" . DC  A 1 11 ? -10.581 9.957   -4.461  1.00 45.27 ? 11 DC  A "O4'" 1 
ATOM   210 C "C3'" . DC  A 1 11 ? -11.772 10.890  -6.287  1.00 47.69 ? 11 DC  A "C3'" 1 
ATOM   211 O "O3'" . DC  A 1 11 ? -11.895 9.905   -7.309  1.00 51.43 ? 11 DC  A "O3'" 1 
ATOM   212 C "C2'" . DC  A 1 11 ? -12.723 10.608  -5.137  1.00 44.54 ? 11 DC  A "C2'" 1 
ATOM   213 C "C1'" . DC  A 1 11 ? -11.945 9.598   -4.317  1.00 41.14 ? 11 DC  A "C1'" 1 
ATOM   214 N N1    . DC  A 1 11 ? -12.253 9.599   -2.881  1.00 37.23 ? 11 DC  A N1    1 
ATOM   215 C C2    . DC  A 1 11 ? -12.837 8.464   -2.315  1.00 34.33 ? 11 DC  A C2    1 
ATOM   216 O O2    . DC  A 1 11 ? -13.128 7.516   -3.051  1.00 36.93 ? 11 DC  A O2    1 
ATOM   217 N N3    . DC  A 1 11 ? -13.070 8.427   -0.987  1.00 30.78 ? 11 DC  A N3    1 
ATOM   218 C C4    . DC  A 1 11 ? -12.751 9.477   -0.229  1.00 33.03 ? 11 DC  A C4    1 
ATOM   219 N N4    . DC  A 1 11 ? -12.955 9.394   1.095   1.00 32.12 ? 11 DC  A N4    1 
ATOM   220 C C5    . DC  A 1 11 ? -12.191 10.667  -0.788  1.00 35.95 ? 11 DC  A C5    1 
ATOM   221 C C6    . DC  A 1 11 ? -11.959 10.681  -2.105  1.00 35.99 ? 11 DC  A C6    1 
ATOM   222 P P     . DG  A 1 12 ? -13.135 9.965   -8.320  1.00 54.92 ? 12 DG  A P     1 
ATOM   223 O OP1   . DG  A 1 12 ? -12.734 9.268   -9.574  1.00 53.58 ? 12 DG  A OP1   1 
ATOM   224 O OP2   . DG  A 1 12 ? -13.631 11.368  -8.377  1.00 53.40 ? 12 DG  A OP2   1 
ATOM   225 O "O5'" . DG  A 1 12 ? -14.233 9.084   -7.588  1.00 54.50 ? 12 DG  A "O5'" 1 
ATOM   226 C "C5'" . DG  A 1 12 ? -15.612 9.347   -7.771  1.00 53.42 ? 12 DG  A "C5'" 1 
ATOM   227 C "C4'" . DG  A 1 12 ? -16.418 8.154   -7.326  1.00 51.93 ? 12 DG  A "C4'" 1 
ATOM   228 O "O4'" . DG  A 1 12 ? -16.122 7.883   -5.936  1.00 48.73 ? 12 DG  A "O4'" 1 
ATOM   229 C "C3'" . DG  A 1 12 ? -17.924 8.366   -7.397  1.00 52.27 ? 12 DG  A "C3'" 1 
ATOM   230 O "O3'" . DG  A 1 12 ? -18.470 7.064   -7.566  1.00 54.79 ? 12 DG  A "O3'" 1 
ATOM   231 C "C2'" . DG  A 1 12 ? -18.248 8.905   -6.016  1.00 49.66 ? 12 DG  A "C2'" 1 
ATOM   232 C "C1'" . DG  A 1 12 ? -17.261 8.154   -5.132  1.00 46.60 ? 12 DG  A "C1'" 1 
ATOM   233 N N9    . DG  A 1 12 ? -16.816 8.924   -3.979  1.00 43.78 ? 12 DG  A N9    1 
ATOM   234 C C8    . DG  A 1 12 ? -16.319 10.207  -3.979  1.00 42.53 ? 12 DG  A C8    1 
ATOM   235 N N7    . DG  A 1 12 ? -16.031 10.644  -2.784  1.00 39.68 ? 12 DG  A N7    1 
ATOM   236 C C5    . DG  A 1 12 ? -16.353 9.585   -1.946  1.00 38.46 ? 12 DG  A C5    1 
ATOM   237 C C6    . DG  A 1 12 ? -16.265 9.472   -0.540  1.00 36.80 ? 12 DG  A C6    1 
ATOM   238 O O6    . DG  A 1 12 ? -15.891 10.325  0.278   1.00 37.15 ? 12 DG  A O6    1 
ATOM   239 N N1    . DG  A 1 12 ? -16.675 8.215   -0.099  1.00 33.98 ? 12 DG  A N1    1 
ATOM   240 C C2    . DG  A 1 12 ? -17.121 7.202   -0.911  1.00 34.94 ? 12 DG  A C2    1 
ATOM   241 N N2    . DG  A 1 12 ? -17.432 6.051   -0.305  1.00 31.88 ? 12 DG  A N2    1 
ATOM   242 N N3    . DG  A 1 12 ? -17.239 7.306   -2.222  1.00 36.78 ? 12 DG  A N3    1 
ATOM   243 C C4    . DG  A 1 12 ? -16.831 8.514   -2.669  1.00 39.71 ? 12 DG  A C4    1 
ATOM   244 O "O5'" . DC  B 1 1  ? -17.790 6.354   8.840   1.00 54.37 ? 13 DC  B "O5'" 1 
ATOM   245 C "C5'" . DC  B 1 1  ? -19.144 5.995   8.525   1.00 52.07 ? 13 DC  B "C5'" 1 
ATOM   246 C "C4'" . DC  B 1 1  ? -19.204 5.140   7.281   1.00 50.28 ? 13 DC  B "C4'" 1 
ATOM   247 O "O4'" . DC  B 1 1  ? -19.061 5.959   6.097   1.00 48.88 ? 13 DC  B "O4'" 1 
ATOM   248 C "C3'" . DC  B 1 1  ? -18.093 4.096   7.202   1.00 49.44 ? 13 DC  B "C3'" 1 
ATOM   249 O "O3'" . DC  B 1 1  ? -18.608 2.923   6.591   1.00 50.49 ? 13 DC  B "O3'" 1 
ATOM   250 C "C2'" . DC  B 1 1  ? -17.075 4.741   6.283   1.00 47.40 ? 13 DC  B "C2'" 1 
ATOM   251 C "C1'" . DC  B 1 1  ? -17.966 5.497   5.320   1.00 45.90 ? 13 DC  B "C1'" 1 
ATOM   252 N N1    . DC  B 1 1  ? -17.338 6.669   4.690   1.00 43.29 ? 13 DC  B N1    1 
ATOM   253 C C2    . DC  B 1 1  ? -17.285 6.743   3.289   1.00 41.27 ? 13 DC  B C2    1 
ATOM   254 O O2    . DC  B 1 1  ? -17.723 5.798   2.620   1.00 41.92 ? 13 DC  B O2    1 
ATOM   255 N N3    . DC  B 1 1  ? -16.751 7.839   2.706   1.00 40.42 ? 13 DC  B N3    1 
ATOM   256 C C4    . DC  B 1 1  ? -16.268 8.829   3.465   1.00 40.82 ? 13 DC  B C4    1 
ATOM   257 N N4    . DC  B 1 1  ? -15.771 9.899   2.854   1.00 37.57 ? 13 DC  B N4    1 
ATOM   258 C C5    . DC  B 1 1  ? -16.280 8.764   4.885   1.00 41.73 ? 13 DC  B C5    1 
ATOM   259 C C6    . DC  B 1 1  ? -16.824 7.677   5.452   1.00 42.47 ? 13 DC  B C6    1 
ATOM   260 P P     . DG  B 1 2  ? -17.948 1.500   6.920   1.00 51.21 ? 14 DG  B P     1 
ATOM   261 O OP1   . DG  B 1 2  ? -19.025 0.716   7.588   1.00 49.92 ? 14 DG  B OP1   1 
ATOM   262 O OP2   . DG  B 1 2  ? -16.628 1.688   7.590   1.00 47.91 ? 14 DG  B OP2   1 
ATOM   263 O "O5'" . DG  B 1 2  ? -17.684 0.880   5.483   1.00 46.40 ? 14 DG  B "O5'" 1 
ATOM   264 C "C5'" . DG  B 1 2  ? -18.702 0.882   4.500   1.00 42.98 ? 14 DG  B "C5'" 1 
ATOM   265 C "C4'" . DG  B 1 2  ? -18.096 0.587   3.151   1.00 41.45 ? 14 DG  B "C4'" 1 
ATOM   266 O "O4'" . DG  B 1 2  ? -17.491 1.784   2.601   1.00 40.55 ? 14 DG  B "O4'" 1 
ATOM   267 C "C3'" . DG  B 1 2  ? -16.993 -0.468  3.227   1.00 40.75 ? 14 DG  B "C3'" 1 
ATOM   268 O "O3'" . DG  B 1 2  ? -17.149 -1.403  2.168   1.00 39.31 ? 14 DG  B "O3'" 1 
ATOM   269 C "C2'" . DG  B 1 2  ? -15.711 0.338   3.110   1.00 40.96 ? 14 DG  B "C2'" 1 
ATOM   270 C "C1'" . DG  B 1 2  ? -16.122 1.559   2.296   1.00 40.25 ? 14 DG  B "C1'" 1 
ATOM   271 N N9    . DG  B 1 2  ? -15.386 2.782   2.630   1.00 39.51 ? 14 DG  B N9    1 
ATOM   272 C C8    . DG  B 1 2  ? -15.010 3.197   3.885   1.00 36.72 ? 14 DG  B C8    1 
ATOM   273 N N7    . DG  B 1 2  ? -14.387 4.343   3.883   1.00 36.55 ? 14 DG  B N7    1 
ATOM   274 C C5    . DG  B 1 2  ? -14.337 4.712   2.546   1.00 37.33 ? 14 DG  B C5    1 
ATOM   275 C C6    . DG  B 1 2  ? -13.784 5.873   1.932   1.00 36.22 ? 14 DG  B C6    1 
ATOM   276 O O6    . DG  B 1 2  ? -13.232 6.845   2.471   1.00 34.75 ? 14 DG  B O6    1 
ATOM   277 N N1    . DG  B 1 2  ? -13.939 5.843   0.548   1.00 35.05 ? 14 DG  B N1    1 
ATOM   278 C C2    . DG  B 1 2  ? -14.559 4.843   -0.155  1.00 36.88 ? 14 DG  B C2    1 
ATOM   279 N N2    . DG  B 1 2  ? -14.625 5.019   -1.491  1.00 35.85 ? 14 DG  B N2    1 
ATOM   280 N N3    . DG  B 1 2  ? -15.084 3.754   0.405   1.00 36.96 ? 14 DG  B N3    1 
ATOM   281 C C4    . DG  B 1 2  ? -14.939 3.757   1.752   1.00 38.22 ? 14 DG  B C4    1 
ATOM   282 P P     . DC  B 1 3  ? -16.039 -2.536  1.924   1.00 38.06 ? 15 DC  B P     1 
ATOM   283 O OP1   . DC  B 1 3  ? -16.800 -3.686  1.363   1.00 39.60 ? 15 DC  B OP1   1 
ATOM   284 O OP2   . DC  B 1 3  ? -15.161 -2.729  3.097   1.00 37.35 ? 15 DC  B OP2   1 
ATOM   285 O "O5'" . DC  B 1 3  ? -15.133 -1.917  0.777   1.00 36.76 ? 15 DC  B "O5'" 1 
ATOM   286 C "C5'" . DC  B 1 3  ? -15.731 -1.376  -0.389  1.00 33.71 ? 15 DC  B "C5'" 1 
ATOM   287 C "C4'" . DC  B 1 3  ? -14.666 -0.845  -1.317  1.00 33.60 ? 15 DC  B "C4'" 1 
ATOM   288 O "O4'" . DC  B 1 3  ? -14.139 0.402   -0.795  1.00 33.21 ? 15 DC  B "O4'" 1 
ATOM   289 C "C3'" . DC  B 1 3  ? -13.479 -1.791  -1.463  1.00 33.43 ? 15 DC  B "C3'" 1 
ATOM   290 O "O3'" . DC  B 1 3  ? -13.161 -2.008  -2.820  1.00 33.06 ? 15 DC  B "O3'" 1 
ATOM   291 C "C2'" . DC  B 1 3  ? -12.336 -1.081  -0.754  1.00 32.10 ? 15 DC  B "C2'" 1 
ATOM   292 C "C1'" . DC  B 1 3  ? -12.725 0.382   -0.789  1.00 30.81 ? 15 DC  B "C1'" 1 
ATOM   293 N N1    . DC  B 1 3  ? -12.267 1.133   0.399   1.00 29.99 ? 15 DC  B N1    1 
ATOM   294 C C2    . DC  B 1 3  ? -11.731 2.403   0.226   1.00 26.67 ? 15 DC  B C2    1 
ATOM   295 O O2    . DC  B 1 3  ? -11.685 2.871   -0.908  1.00 27.12 ? 15 DC  B O2    1 
ATOM   296 N N3    . DC  B 1 3  ? -11.278 3.089   1.301   1.00 27.77 ? 15 DC  B N3    1 
ATOM   297 C C4    . DC  B 1 3  ? -11.353 2.547   2.518   1.00 29.10 ? 15 DC  B C4    1 
ATOM   298 N N4    . DC  B 1 3  ? -10.876 3.251   3.551   1.00 27.86 ? 15 DC  B N4    1 
ATOM   299 C C5    . DC  B 1 3  ? -11.913 1.257   2.731   1.00 27.55 ? 15 DC  B C5    1 
ATOM   300 C C6    . DC  B 1 3  ? -12.353 0.589   1.652   1.00 29.30 ? 15 DC  B C6    1 
ATOM   301 P P     . DG  B 1 4  ? -12.348 -3.324  -3.234  1.00 33.40 ? 16 DG  B P     1 
ATOM   302 O OP1   . DG  B 1 4  ? -13.284 -4.217  -3.955  1.00 35.53 ? 16 DG  B OP1   1 
ATOM   303 O OP2   . DG  B 1 4  ? -11.586 -3.839  -2.072  1.00 32.87 ? 16 DG  B OP2   1 
ATOM   304 O "O5'" . DG  B 1 4  ? -11.371 -2.731  -4.328  1.00 33.94 ? 16 DG  B "O5'" 1 
ATOM   305 C "C5'" . DG  B 1 4  ? -11.897 -1.824  -5.273  1.00 33.94 ? 16 DG  B "C5'" 1 
ATOM   306 C "C4'" . DG  B 1 4  ? -10.892 -0.745  -5.566  1.00 36.53 ? 16 DG  B "C4'" 1 
ATOM   307 O "O4'" . DG  B 1 4  ? -10.632 0.028   -4.370  1.00 37.13 ? 16 DG  B "O4'" 1 
ATOM   308 C "C3'" . DG  B 1 4  ? -9.544  -1.280  -6.038  1.00 37.28 ? 16 DG  B "C3'" 1 
ATOM   309 O "O3'" . DG  B 1 4  ? -9.113  -0.456  -7.114  1.00 40.18 ? 16 DG  B "O3'" 1 
ATOM   310 C "C2'" . DG  B 1 4  ? -8.652  -1.143  -4.815  1.00 36.15 ? 16 DG  B "C2'" 1 
ATOM   311 C "C1'" . DG  B 1 4  ? -9.235  0.074   -4.110  1.00 34.56 ? 16 DG  B "C1'" 1 
ATOM   312 N N9    . DG  B 1 4  ? -9.053  0.086   -2.661  1.00 31.33 ? 16 DG  B N9    1 
ATOM   313 C C8    . DG  B 1 4  ? -9.214  -0.975  -1.806  1.00 29.89 ? 16 DG  B C8    1 
ATOM   314 N N7    . DG  B 1 4  ? -8.989  -0.666  -0.555  1.00 28.89 ? 16 DG  B N7    1 
ATOM   315 C C5    . DG  B 1 4  ? -8.655  0.681   -0.589  1.00 28.48 ? 16 DG  B C5    1 
ATOM   316 C C6    . DG  B 1 4  ? -8.298  1.561   0.463   1.00 28.35 ? 16 DG  B C6    1 
ATOM   317 O O6    . DG  B 1 4  ? -8.222  1.320   1.674   1.00 27.92 ? 16 DG  B O6    1 
ATOM   318 N N1    . DG  B 1 4  ? -8.016  2.842   -0.010  1.00 26.50 ? 16 DG  B N1    1 
ATOM   319 C C2    . DG  B 1 4  ? -8.084  3.226   -1.323  1.00 26.23 ? 16 DG  B C2    1 
ATOM   320 N N2    . DG  B 1 4  ? -7.790  4.509   -1.574  1.00 23.67 ? 16 DG  B N2    1 
ATOM   321 N N3    . DG  B 1 4  ? -8.421  2.412   -2.320  1.00 28.54 ? 16 DG  B N3    1 
ATOM   322 C C4    . DG  B 1 4  ? -8.688  1.162   -1.881  1.00 28.79 ? 16 DG  B C4    1 
ATOM   323 P P     . DA  B 1 5  ? -7.753  -0.788  -7.872  1.00 41.24 ? 17 DA  B P     1 
ATOM   324 O OP1   . DA  B 1 5  ? -8.070  -0.865  -9.319  1.00 42.88 ? 17 DA  B OP1   1 
ATOM   325 O OP2   . DA  B 1 5  ? -7.107  -1.940  -7.192  1.00 42.10 ? 17 DA  B OP2   1 
ATOM   326 O "O5'" . DA  B 1 5  ? -6.910  0.531   -7.623  1.00 38.79 ? 17 DA  B "O5'" 1 
ATOM   327 C "C5'" . DA  B 1 5  ? -7.551  1.801   -7.644  1.00 36.47 ? 17 DA  B "C5'" 1 
ATOM   328 C "C4'" . DA  B 1 5  ? -6.606  2.851   -7.127  1.00 36.42 ? 17 DA  B "C4'" 1 
ATOM   329 O "O4'" . DA  B 1 5  ? -6.491  2.785   -5.685  1.00 36.95 ? 17 DA  B "O4'" 1 
ATOM   330 C "C3'" . DA  B 1 5  ? -5.198  2.629   -7.657  1.00 38.86 ? 17 DA  B "C3'" 1 
ATOM   331 O "O3'" . DA  B 1 5  ? -4.558  3.890   -7.787  1.00 41.58 ? 17 DA  B "O3'" 1 
ATOM   332 C "C2'" . DA  B 1 5  ? -4.543  1.814   -6.559  1.00 37.00 ? 17 DA  B "C2'" 1 
ATOM   333 C "C1'" . DA  B 1 5  ? -5.154  2.444   -5.321  1.00 34.45 ? 17 DA  B "C1'" 1 
ATOM   334 N N9    . DA  B 1 5  ? -5.218  1.563   -4.154  1.00 29.79 ? 17 DA  B N9    1 
ATOM   335 C C8    . DA  B 1 5  ? -5.574  0.236   -4.114  1.00 26.86 ? 17 DA  B C8    1 
ATOM   336 N N7    . DA  B 1 5  ? -5.569  -0.274  -2.907  1.00 25.28 ? 17 DA  B N7    1 
ATOM   337 C C5    . DA  B 1 5  ? -5.176  0.784   -2.099  1.00 24.62 ? 17 DA  B C5    1 
ATOM   338 C C6    . DA  B 1 5  ? -4.989  0.890   -0.712  1.00 22.51 ? 17 DA  B C6    1 
ATOM   339 N N6    . DA  B 1 5  ? -5.175  -0.126  0.128   1.00 21.39 ? 17 DA  B N6    1 
ATOM   340 N N1    . DA  B 1 5  ? -4.599  2.089   -0.215  1.00 22.84 ? 17 DA  B N1    1 
ATOM   341 C C2    . DA  B 1 5  ? -4.414  3.105   -1.073  1.00 23.99 ? 17 DA  B C2    1 
ATOM   342 N N3    . DA  B 1 5  ? -4.560  3.125   -2.405  1.00 25.00 ? 17 DA  B N3    1 
ATOM   343 C C4    . DA  B 1 5  ? -4.948  1.919   -2.856  1.00 25.73 ? 17 DA  B C4    1 
ATOM   344 P P     . DA  B 1 6  ? -3.117  3.973   -8.463  1.00 43.55 ? 18 DA  B P     1 
ATOM   345 O OP1   . DA  B 1 6  ? -3.295  4.961   -9.556  1.00 42.28 ? 18 DA  B OP1   1 
ATOM   346 O OP2   . DA  B 1 6  ? -2.628  2.598   -8.777  1.00 41.35 ? 18 DA  B OP2   1 
ATOM   347 O "O5'" . DA  B 1 6  ? -2.214  4.579   -7.296  1.00 41.84 ? 18 DA  B "O5'" 1 
ATOM   348 C "C5'" . DA  B 1 6  ? -2.663  5.707   -6.548  1.00 41.27 ? 18 DA  B "C5'" 1 
ATOM   349 C "C4'" . DA  B 1 6  ? -1.803  5.909   -5.322  1.00 40.89 ? 18 DA  B "C4'" 1 
ATOM   350 O "O4'" . DA  B 1 6  ? -2.111  4.913   -4.315  1.00 39.32 ? 18 DA  B "O4'" 1 
ATOM   351 C "C3'" . DA  B 1 6  ? -0.297  5.820   -5.564  1.00 41.02 ? 18 DA  B "C3'" 1 
ATOM   352 O "O3'" . DA  B 1 6  ? 0.369   6.848   -4.826  1.00 46.03 ? 18 DA  B "O3'" 1 
ATOM   353 C "C2'" . DA  B 1 6  ? 0.069   4.452   -5.010  1.00 38.19 ? 18 DA  B "C2'" 1 
ATOM   354 C "C1'" . DA  B 1 6  ? -0.904  4.309   -3.855  1.00 34.75 ? 18 DA  B "C1'" 1 
ATOM   355 N N9    . DA  B 1 6  ? -1.214  2.930   -3.461  1.00 30.09 ? 18 DA  B N9    1 
ATOM   356 C C8    . DA  B 1 6  ? -1.569  1.895   -4.293  1.00 28.02 ? 18 DA  B C8    1 
ATOM   357 N N7    . DA  B 1 6  ? -1.825  0.774   -3.662  1.00 26.44 ? 18 DA  B N7    1 
ATOM   358 C C5    . DA  B 1 6  ? -1.624  1.087   -2.325  1.00 24.65 ? 18 DA  B C5    1 
ATOM   359 C C6    . DA  B 1 6  ? -1.757  0.327   -1.154  1.00 24.49 ? 18 DA  B C6    1 
ATOM   360 N N6    . DA  B 1 6  ? -2.175  -0.939  -1.149  1.00 24.04 ? 18 DA  B N6    1 
ATOM   361 N N1    . DA  B 1 6  ? -1.460  0.922   0.025   1.00 21.83 ? 18 DA  B N1    1 
ATOM   362 C C2    . DA  B 1 6  ? -1.093  2.212   0.008   1.00 22.62 ? 18 DA  B C2    1 
ATOM   363 N N3    . DA  B 1 6  ? -0.959  3.040   -1.032  1.00 22.15 ? 18 DA  B N3    1 
ATOM   364 C C4    . DA  B 1 6  ? -1.234  2.406   -2.184  1.00 25.32 ? 18 DA  B C4    1 
ATOM   365 P P     . DT  B 1 7  ? 1.825   7.342   -5.292  1.00 49.29 ? 19 DT  B P     1 
ATOM   366 O OP1   . DT  B 1 7  ? 1.809   8.831   -5.339  1.00 49.68 ? 19 DT  B OP1   1 
ATOM   367 O OP2   . DT  B 1 7  ? 2.192   6.558   -6.505  1.00 46.92 ? 19 DT  B OP2   1 
ATOM   368 O "O5'" . DT  B 1 7  ? 2.785   6.899   -4.107  1.00 45.73 ? 19 DT  B "O5'" 1 
ATOM   369 C "C5'" . DT  B 1 7  ? 2.496   5.731   -3.373  1.00 44.26 ? 19 DT  B "C5'" 1 
ATOM   370 C "C4'" . DT  B 1 7  ? 2.791   5.945   -1.911  1.00 42.15 ? 19 DT  B "C4'" 1 
ATOM   371 O "O4'" . DT  B 1 7  ? 2.146   4.871   -1.198  1.00 39.61 ? 19 DT  B "O4'" 1 
ATOM   372 C "C3'" . DT  B 1 7  ? 4.275   5.857   -1.564  1.00 42.19 ? 19 DT  B "C3'" 1 
ATOM   373 O "O3'" . DT  B 1 7  ? 4.578   6.682   -0.427  1.00 44.01 ? 19 DT  B "O3'" 1 
ATOM   374 C "C2'" . DT  B 1 7  ? 4.463   4.376   -1.285  1.00 40.00 ? 19 DT  B "C2'" 1 
ATOM   375 C "C1'" . DT  B 1 7  ? 3.102   3.925   -0.753  1.00 37.60 ? 19 DT  B "C1'" 1 
ATOM   376 N N1    . DT  B 1 7  ? 2.678   2.600   -1.251  1.00 34.45 ? 19 DT  B N1    1 
ATOM   377 C C2    . DT  B 1 7  ? 2.402   1.626   -0.326  1.00 31.96 ? 19 DT  B C2    1 
ATOM   378 O O2    . DT  B 1 7  ? 2.455   1.823   0.875   1.00 32.01 ? 19 DT  B O2    1 
ATOM   379 N N3    . DT  B 1 7  ? 2.054   0.411   -0.857  1.00 29.88 ? 19 DT  B N3    1 
ATOM   380 C C4    . DT  B 1 7  ? 1.943   0.087   -2.199  1.00 30.44 ? 19 DT  B C4    1 
ATOM   381 O O4    . DT  B 1 7  ? 1.620   -1.056  -2.532  1.00 31.32 ? 19 DT  B O4    1 
ATOM   382 C C5    . DT  B 1 7  ? 2.231   1.168   -3.119  1.00 28.99 ? 19 DT  B C5    1 
ATOM   383 C C7    . DT  B 1 7  ? 2.131   0.915   -4.591  1.00 27.16 ? 19 DT  B C7    1 
ATOM   384 C C6    . DT  B 1 7  ? 2.577   2.353   -2.605  1.00 31.25 ? 19 DT  B C6    1 
ATOM   385 P P     . DT  B 1 8  ? 6.112   7.002   -0.047  1.00 44.28 ? 20 DT  B P     1 
ATOM   386 O OP1   . DT  B 1 8  ? 6.204   8.434   0.338   1.00 44.68 ? 20 DT  B OP1   1 
ATOM   387 O OP2   . DT  B 1 8  ? 6.993   6.466   -1.113  1.00 44.60 ? 20 DT  B OP2   1 
ATOM   388 O "O5'" . DT  B 1 8  ? 6.355   6.109   1.240   1.00 42.01 ? 20 DT  B "O5'" 1 
ATOM   389 C "C5'" . DT  B 1 8  ? 5.829   4.793   1.266   1.00 41.17 ? 20 DT  B "C5'" 1 
ATOM   390 C "C4'" . DT  B 1 8  ? 6.069   4.134   2.600   1.00 37.00 ? 20 DT  B "C4'" 1 
ATOM   391 O "O4'" . DT  B 1 8  ? 5.452   2.830   2.512   1.00 35.72 ? 20 DT  B "O4'" 1 
ATOM   392 C "C3'" . DT  B 1 8  ? 7.541   3.874   2.889   1.00 34.26 ? 20 DT  B "C3'" 1 
ATOM   393 O "O3'" . DT  B 1 8  ? 7.746   3.854   4.302   1.00 32.36 ? 20 DT  B "O3'" 1 
ATOM   394 C "C2'" . DT  B 1 8  ? 7.788   2.524   2.233   1.00 33.37 ? 20 DT  B "C2'" 1 
ATOM   395 C "C1'" . DT  B 1 8  ? 6.431   1.822   2.308   1.00 32.61 ? 20 DT  B "C1'" 1 
ATOM   396 N N1    . DT  B 1 8  ? 6.040   1.081   1.093   1.00 30.52 ? 20 DT  B N1    1 
ATOM   397 C C2    . DT  B 1 8  ? 5.437   -0.143  1.249   1.00 30.63 ? 20 DT  B C2    1 
ATOM   398 O O2    . DT  B 1 8  ? 5.225   -0.643  2.341   1.00 28.66 ? 20 DT  B O2    1 
ATOM   399 N N3    . DT  B 1 8  ? 5.091   -0.767  0.072   1.00 28.99 ? 20 DT  B N3    1 
ATOM   400 C C4    . DT  B 1 8  ? 5.286   -0.294  -1.214  1.00 29.02 ? 20 DT  B C4    1 
ATOM   401 O O4    . DT  B 1 8  ? 4.923   -0.966  -2.188  1.00 29.97 ? 20 DT  B O4    1 
ATOM   402 C C5    . DT  B 1 8  ? 5.924   0.994   -1.298  1.00 28.62 ? 20 DT  B C5    1 
ATOM   403 C C7    . DT  B 1 8  ? 6.171   1.592   -2.646  1.00 29.13 ? 20 DT  B C7    1 
ATOM   404 C C6    . DT  B 1 8  ? 6.267   1.607   -0.157  1.00 30.00 ? 20 DT  B C6    1 
ATOM   405 P P     . DC  B 1 9  ? 9.206   3.540   4.888   1.00 32.68 ? 21 DC  B P     1 
ATOM   406 O OP1   . DC  B 1 9  ? 9.223   4.090   6.268   1.00 31.50 ? 21 DC  B OP1   1 
ATOM   407 O OP2   . DC  B 1 9  ? 10.210  4.002   3.905   1.00 34.39 ? 21 DC  B OP2   1 
ATOM   408 O "O5'" . DC  B 1 9  ? 9.253   1.946   4.938   1.00 32.36 ? 21 DC  B "O5'" 1 
ATOM   409 C "C5'" . DC  B 1 9  ? 8.245   1.215   5.639   1.00 34.07 ? 21 DC  B "C5'" 1 
ATOM   410 C "C4'" . DC  B 1 9  ? 8.553   -0.265  5.629   1.00 33.73 ? 21 DC  B "C4'" 1 
ATOM   411 O "O4'" . DC  B 1 9  ? 8.071   -0.921  4.423   1.00 31.48 ? 21 DC  B "O4'" 1 
ATOM   412 C "C3'" . DC  B 1 9  ? 10.041  -0.592  5.740   1.00 35.10 ? 21 DC  B "C3'" 1 
ATOM   413 O "O3'" . DC  B 1 9  ? 10.218  -1.661  6.663   1.00 41.13 ? 21 DC  B "O3'" 1 
ATOM   414 C "C2'" . DC  B 1 9  ? 10.408  -1.040  4.334   1.00 32.49 ? 21 DC  B "C2'" 1 
ATOM   415 C "C1'" . DC  B 1 9  ? 9.121   -1.677  3.831   1.00 29.54 ? 21 DC  B "C1'" 1 
ATOM   416 N N1    . DC  B 1 9  ? 8.939   -1.640  2.362   1.00 27.34 ? 21 DC  B N1    1 
ATOM   417 C C2    . DC  B 1 9  ? 8.378   -2.756  1.706   1.00 25.94 ? 21 DC  B C2    1 
ATOM   418 O O2    . DC  B 1 9  ? 8.058   -3.746  2.369   1.00 25.82 ? 21 DC  B O2    1 
ATOM   419 N N3    . DC  B 1 9  ? 8.194   -2.717  0.368   1.00 23.35 ? 21 DC  B N3    1 
ATOM   420 C C4    . DC  B 1 9  ? 8.532   -1.629  -0.317  1.00 22.06 ? 21 DC  B C4    1 
ATOM   421 N N4    . DC  B 1 9  ? 8.305   -1.627  -1.626  1.00 23.11 ? 21 DC  B N4    1 
ATOM   422 C C5    . DC  B 1 9  ? 9.111   -0.487  0.313   1.00 24.10 ? 21 DC  B C5    1 
ATOM   423 C C6    . DC  B 1 9  ? 9.298   -0.536  1.641   1.00 25.83 ? 21 DC  B C6    1 
ATOM   424 P P     . DG  B 1 10 ? 11.478  -1.659  7.653   1.00 44.14 ? 22 DG  B P     1 
ATOM   425 O OP1   . DG  B 1 10 ? 10.929  -1.541  9.031   1.00 44.39 ? 22 DG  B OP1   1 
ATOM   426 O OP2   . DG  B 1 10 ? 12.476  -0.673  7.166   1.00 44.09 ? 22 DG  B OP2   1 
ATOM   427 O "O5'" . DG  B 1 10 ? 12.055  -3.131  7.483   1.00 42.20 ? 22 DG  B "O5'" 1 
ATOM   428 C "C5'" . DG  B 1 10 ? 11.193  -4.246  7.665   1.00 39.69 ? 22 DG  B "C5'" 1 
ATOM   429 C "C4'" . DG  B 1 10 ? 11.517  -5.339  6.674   1.00 38.90 ? 22 DG  B "C4'" 1 
ATOM   430 O "O4'" . DG  B 1 10 ? 11.094  -5.013  5.327   1.00 34.78 ? 22 DG  B "O4'" 1 
ATOM   431 C "C3'" . DG  B 1 10 ? 12.998  -5.692  6.576   1.00 37.88 ? 22 DG  B "C3'" 1 
ATOM   432 O "O3'" . DG  B 1 10 ? 13.091  -7.089  6.427   1.00 40.15 ? 22 DG  B "O3'" 1 
ATOM   433 C "C2'" . DG  B 1 10 ? 13.411  -5.070  5.260   1.00 35.19 ? 22 DG  B "C2'" 1 
ATOM   434 C "C1'" . DG  B 1 10 ? 12.160  -5.340  4.458   1.00 33.23 ? 22 DG  B "C1'" 1 
ATOM   435 N N9    . DG  B 1 10 ? 12.029  -4.549  3.245   1.00 30.81 ? 22 DG  B N9    1 
ATOM   436 C C8    . DG  B 1 10 ? 12.416  -3.245  3.060   1.00 30.35 ? 22 DG  B C8    1 
ATOM   437 N N7    . DG  B 1 10 ? 12.187  -2.812  1.854   1.00 28.80 ? 22 DG  B N7    1 
ATOM   438 C C5    . DG  B 1 10 ? 11.610  -3.895  1.206   1.00 27.74 ? 22 DG  B C5    1 
ATOM   439 C C6    . DG  B 1 10 ? 11.155  -4.018  -0.120  1.00 26.62 ? 22 DG  B C6    1 
ATOM   440 O O6    . DG  B 1 10 ? 11.184  -3.174  -1.023  1.00 27.42 ? 22 DG  B O6    1 
ATOM   441 N N1    . DG  B 1 10 ? 10.631  -5.283  -0.367  1.00 23.75 ? 22 DG  B N1    1 
ATOM   442 C C2    . DG  B 1 10 ? 10.583  -6.306  0.541   1.00 23.49 ? 22 DG  B C2    1 
ATOM   443 N N2    . DG  B 1 10 ? 10.070  -7.452  0.086   1.00 21.71 ? 22 DG  B N2    1 
ATOM   444 N N3    . DG  B 1 10 ? 11.013  -6.210  1.792   1.00 22.55 ? 22 DG  B N3    1 
ATOM   445 C C4    . DG  B 1 10 ? 11.506  -4.976  2.053   1.00 28.25 ? 22 DG  B C4    1 
ATOM   446 P P     . DC  B 1 11 ? 13.974  -7.933  7.449   1.00 44.18 ? 23 DC  B P     1 
ATOM   447 O OP1   . DC  B 1 11 ? 13.372  -7.780  8.801   1.00 43.41 ? 23 DC  B OP1   1 
ATOM   448 O OP2   . DC  B 1 11 ? 15.406  -7.593  7.226   1.00 43.22 ? 23 DC  B OP2   1 
ATOM   449 O "O5'" . DC  B 1 11 ? 13.693  -9.409  6.958   1.00 43.54 ? 23 DC  B "O5'" 1 
ATOM   450 C "C5'" . DC  B 1 11 ? 12.389  -9.772  6.515   1.00 44.30 ? 23 DC  B "C5'" 1 
ATOM   451 C "C4'" . DC  B 1 11 ? 12.495  -10.598 5.259   1.00 44.14 ? 23 DC  B "C4'" 1 
ATOM   452 O "O4'" . DC  B 1 11 ? 12.405  -9.768  4.073   1.00 42.16 ? 23 DC  B "O4'" 1 
ATOM   453 C "C3'" . DC  B 1 11 ? 13.840  -11.312 5.194   1.00 45.11 ? 23 DC  B "C3'" 1 
ATOM   454 O "O3'" . DC  B 1 11 ? 13.679  -12.654 4.777   1.00 47.67 ? 23 DC  B "O3'" 1 
ATOM   455 C "C2'" . DC  B 1 11 ? 14.615  -10.515 4.165   1.00 44.08 ? 23 DC  B "C2'" 1 
ATOM   456 C "C1'" . DC  B 1 11 ? 13.522  -10.013 3.239   1.00 41.30 ? 23 DC  B "C1'" 1 
ATOM   457 N N1    . DC  B 1 11 ? 13.881  -8.757  2.547   1.00 38.84 ? 23 DC  B N1    1 
ATOM   458 C C2    . DC  B 1 11 ? 13.512  -8.590  1.199   1.00 36.86 ? 23 DC  B C2    1 
ATOM   459 O O2    . DC  B 1 11 ? 12.816  -9.454  0.657   1.00 37.08 ? 23 DC  B O2    1 
ATOM   460 N N3    . DC  B 1 11 ? 13.919  -7.484  0.533   1.00 35.21 ? 23 DC  B N3    1 
ATOM   461 C C4    . DC  B 1 11 ? 14.646  -6.555  1.166   1.00 35.82 ? 23 DC  B C4    1 
ATOM   462 N N4    . DC  B 1 11 ? 15.039  -5.489  0.473   1.00 33.68 ? 23 DC  B N4    1 
ATOM   463 C C5    . DC  B 1 11 ? 15.000  -6.681  2.543   1.00 36.31 ? 23 DC  B C5    1 
ATOM   464 C C6    . DC  B 1 11 ? 14.597  -7.785  3.190   1.00 37.12 ? 23 DC  B C6    1 
ATOM   465 P P     . DG  B 1 12 ? 14.928  -13.658 4.848   1.00 50.59 ? 24 DG  B P     1 
ATOM   466 O OP1   . DG  B 1 12 ? 14.917  -14.304 6.186   1.00 49.68 ? 24 DG  B OP1   1 
ATOM   467 O OP2   . DG  B 1 12 ? 16.160  -12.953 4.391   1.00 50.49 ? 24 DG  B OP2   1 
ATOM   468 O "O5'" . DG  B 1 12 ? 14.534  -14.736 3.751   1.00 48.17 ? 24 DG  B "O5'" 1 
ATOM   469 C "C5'" . DG  B 1 12 ? 15.467  -15.138 2.764   1.00 45.36 ? 24 DG  B "C5'" 1 
ATOM   470 C "C4'" . DG  B 1 12 ? 14.832  -15.068 1.399   1.00 42.70 ? 24 DG  B "C4'" 1 
ATOM   471 O "O4'" . DG  B 1 12 ? 14.569  -13.684 1.072   1.00 39.51 ? 24 DG  B "O4'" 1 
ATOM   472 C "C3'" . DG  B 1 12 ? 15.717  -15.595 0.278   1.00 41.54 ? 24 DG  B "C3'" 1 
ATOM   473 O "O3'" . DG  B 1 12 ? 14.811  -15.958 -0.759  1.00 47.22 ? 24 DG  B "O3'" 1 
ATOM   474 C "C2'" . DG  B 1 12 ? 16.441  -14.348 -0.184  1.00 39.67 ? 24 DG  B "C2'" 1 
ATOM   475 C "C1'" . DG  B 1 12 ? 15.361  -13.290 -0.046  1.00 35.36 ? 24 DG  B "C1'" 1 
ATOM   476 N N9    . DG  B 1 12 ? 15.895  -11.960 0.230   1.00 30.84 ? 24 DG  B N9    1 
ATOM   477 C C8    . DG  B 1 12 ? 16.394  -11.513 1.428   1.00 29.19 ? 24 DG  B C8    1 
ATOM   478 N N7    . DG  B 1 12 ? 16.833  -10.284 1.374   1.00 28.44 ? 24 DG  B N7    1 
ATOM   479 C C5    . DG  B 1 12 ? 16.612  -9.895  0.061   1.00 26.95 ? 24 DG  B C5    1 
ATOM   480 C C6    . DG  B 1 12 ? 16.909  -8.661  -0.600  1.00 26.03 ? 24 DG  B C6    1 
ATOM   481 O O6    . DG  B 1 12 ? 17.440  -7.643  -0.132  1.00 26.26 ? 24 DG  B O6    1 
ATOM   482 N N1    . DG  B 1 12 ? 16.519  -8.690  -1.939  1.00 23.15 ? 24 DG  B N1    1 
ATOM   483 C C2    . DG  B 1 12 ? 15.920  -9.760  -2.554  1.00 23.55 ? 24 DG  B C2    1 
ATOM   484 N N2    . DG  B 1 12 ? 15.608  -9.590  -3.843  1.00 23.99 ? 24 DG  B N2    1 
ATOM   485 N N3    . DG  B 1 12 ? 15.643  -10.912 -1.951  1.00 24.47 ? 24 DG  B N3    1 
ATOM   486 C C4    . DG  B 1 12 ? 16.017  -10.909 -0.657  1.00 27.35 ? 24 DG  B C4    1 
HETATM 487 C C     . MBB C 2 .  ? 4.826   -0.399  6.593   1.00 39.36 ? 25 MBB B C     1 
HETATM 488 C C1    . MBB C 2 .  ? 3.613   2.075   5.218   1.00 36.41 ? 25 MBB B C1    1 
HETATM 489 C C2    . MBB C 2 .  ? 4.219   -0.385  5.293   1.00 38.10 ? 25 MBB B C2    1 
HETATM 490 C C3    . MBB C 2 .  ? 3.640   0.802   4.638   1.00 36.79 ? 25 MBB B C3    1 
HETATM 491 C C4    . MBB C 2 .  ? 4.772   0.977   7.159   1.00 38.67 ? 25 MBB B C4    1 
HETATM 492 C C5    . MBB C 2 .  ? 4.195   2.172   6.515   1.00 37.19 ? 25 MBB B C5    1 
HETATM 493 N N     . MBB C 2 .  ? 5.421   -1.634  7.279   1.00 41.16 ? 25 MBB B N     1 
HETATM 494 C C6    . MBB C 2 .  ? 2.985   3.213   4.447   1.00 34.77 ? 25 MBB B C6    1 
HETATM 495 C C7    . MBB C 2 .  ? 1.658   4.308   2.940   1.00 36.31 ? 25 MBB B C7    1 
HETATM 496 C C8    . MBB C 2 .  ? 2.444   5.206   3.673   1.00 34.16 ? 25 MBB B C8    1 
HETATM 497 C C9    . MBB C 2 .  ? 2.375   6.660   3.452   1.00 35.07 ? 25 MBB B C9    1 
HETATM 498 C C10   . MBB C 2 .  ? 1.446   7.115   2.433   1.00 37.19 ? 25 MBB B C10   1 
HETATM 499 C C11   . MBB C 2 .  ? 0.655   6.183   1.701   1.00 41.07 ? 25 MBB B C11   1 
HETATM 500 C C12   . MBB C 2 .  ? 0.752   4.797   1.942   1.00 38.36 ? 25 MBB B C12   1 
HETATM 501 N N1    . MBB C 2 .  ? 2.031   3.021   3.464   1.00 36.85 ? 25 MBB B N1    1 
HETATM 502 N N2    . MBB C 2 .  ? 3.210   4.503   4.549   1.00 33.68 ? 25 MBB B N2    1 
HETATM 503 C C13   . MBB C 2 .  ? -0.266  6.679   0.699   1.00 44.12 ? 25 MBB B C13   1 
HETATM 504 C C14   . MBB C 2 .  ? -1.943  6.738   -0.805  1.00 48.50 ? 25 MBB B C14   1 
HETATM 505 C C15   . MBB C 2 .  ? -1.278  7.980   -0.693  1.00 48.86 ? 25 MBB B C15   1 
HETATM 506 C C16   . MBB C 2 .  ? -1.659  9.136   -1.472  1.00 51.78 ? 25 MBB B C16   1 
HETATM 507 C C17   . MBB C 2 .  ? -2.787  8.956   -2.406  1.00 54.79 ? 25 MBB B C17   1 
HETATM 508 C C18   . MBB C 2 .  ? -3.480  7.652   -2.525  1.00 56.85 ? 25 MBB B C18   1 
HETATM 509 N N3    . MBB C 2 .  ? -1.274  5.922   0.102   1.00 46.44 ? 25 MBB B N3    1 
HETATM 510 N N4    . MBB C 2 .  ? -0.318  7.865   0.201   1.00 45.59 ? 25 MBB B N4    1 
HETATM 511 C C19   . MBB C 2 .  ? -3.054  6.560   -1.727  1.00 52.59 ? 25 MBB B C19   1 
HETATM 512 N N5    . MBB C 2 .  ? -4.609  7.510   -3.479  1.00 60.64 ? 25 MBB B N5    1 
HETATM 513 N N6    . MBB C 2 .  ? -6.867  7.183   -5.471  1.00 66.82 ? 25 MBB B N6    1 
HETATM 514 C C20   . MBB C 2 .  ? -5.182  6.124   -3.889  1.00 62.59 ? 25 MBB B C20   1 
HETATM 515 C C21   . MBB C 2 .  ? -6.683  6.243   -4.331  1.00 65.56 ? 25 MBB B C21   1 
HETATM 516 C C22   . MBB C 2 .  ? -6.365  8.609   -5.054  1.00 65.69 ? 25 MBB B C22   1 
HETATM 517 C C23   . MBB C 2 .  ? -4.878  8.548   -4.634  1.00 63.34 ? 25 MBB B C23   1 
HETATM 518 C C24   . MBB C 2 .  ? -8.213  7.331   -5.838  1.00 68.14 ? 25 MBB B C24   1 
HETATM 519 C CN1   . MBB C 2 .  ? 6.110   -2.005  8.601   1.00 42.10 ? 25 MBB B CN1   1 
HETATM 520 C CN2   . MBB C 2 .  ? 5.632   -3.127  7.006   1.00 41.03 ? 25 MBB B CN2   1 
HETATM 521 C C25   . MBB C 2 .  ? 4.249   3.502   7.298   1.00 37.22 ? 25 MBB B C25   1 
HETATM 522 O O     . HOH D 3 .  ? -4.418  16.615  0.327   1.00 39.96 ? 28 HOH A O     1 
HETATM 523 O O     . HOH D 3 .  ? -1.252  -8.515  0.177   1.00 78.23 ? 31 HOH A O     1 
HETATM 524 O O     . HOH D 3 .  ? 5.438   -4.564  -6.965  1.00 48.47 ? 33 HOH A O     1 
HETATM 525 O O     . HOH E 3 .  ? 7.968   5.002   -4.407  1.00 66.87 ? 26 HOH B O     1 
HETATM 526 O O     . HOH E 3 .  ? -9.451  -2.327  1.928   1.00 58.07 ? 27 HOH B O     1 
HETATM 527 O O     . HOH E 3 .  ? 10.829  -0.252  -2.604  1.00 45.91 ? 29 HOH B O     1 
HETATM 528 O O     . HOH E 3 .  ? 1.092   -3.015  -4.207  1.00 48.94 ? 30 HOH B O     1 
HETATM 529 O O     . HOH E 3 .  ? 13.918  -0.918  -2.628  1.00 39.58 ? 32 HOH B O     1 
# 
